data_6M38
#
_entry.id   6M38
#
_cell.length_a   97.288
_cell.length_b   140.641
_cell.length_c   167.818
_cell.angle_alpha   90.000
_cell.angle_beta   90.000
_cell.angle_gamma   90.000
#
_symmetry.space_group_name_H-M   'P 21 21 21'
#
loop_
_entity.id
_entity.type
_entity.pdbx_description
1 polymer 'Sodium-dependent dopamine transporter'
2 polymer 'Antibody fragment 9D5 light chain'
3 polymer 'Antibody fragment 9D5 heavy chain'
4 non-polymer (3S)-N-methyl-3-(naphthalen-1-yloxy)-3-(thiophen-2-yl)propan-1-amine
5 non-polymer 'CHOLESTEROL HEMISUCCINATE'
6 non-polymer 'SODIUM ION'
7 non-polymer 'CHLORIDE ION'
8 non-polymer DECYL-BETA-D-MALTOPYRANOSIDE
9 non-polymer CHOLESTEROL
10 water water
#
loop_
_entity_poly.entity_id
_entity_poly.type
_entity_poly.pdbx_seq_one_letter_code
_entity_poly.pdbx_strand_id
1 'polypeptide(L)'
;DERETWSGKVDFLLSVIGFAVDLANVWRFPYLCYKNGGGAFLVPYGIMLAVGGIPLFYMELALGQHNRKGAITCWGRLVP
LFKGIGYAVVLIAFYVGFYYNVIIAWSLRFFFASFTNSLPWTSCNNIWNTPNCRPFEGHVEGFQSAASEYFNRYILELNR
SEGIHDLGAIKWDMALCLLIVYLICYFSLWKGISTSGKVVWFTALFPYAVLLILLIRGLTLPGSFLGIQYYLTPNFSAIY
KAEVWVDAATQVFFSLGPGFGVLLAYASYNKYHNNVYKDALLTSFINSATSFIAGFVIFSVLGYMAHTLGVRIEDVATEG
PGLVFVVYPAAIATMPASTFWALIFFMMLATLGLDSSFGGMEAIITALSDEFPKIKRNRELFVAGLFSLYFVVGLASCTQ
GGFYFFHLLDRYAAGYSILVAVFFEAIAVSWIYGTNRFSEDIRDMIGFPPGRYWQVCWRFVAPIFLLFITVYGLIGYEPL
TYADYVYPSWANALGWCIAGSSVVMIPAVAIFKLLSTPGSLRQRFTILTTPWRD
;
A
2 'polypeptide(L)'
;ENVLTQSPAIMSTSPGEKVTMTCRASSSVGSSYLHWYQQKSGASPKLWIYSTSNLASGVPARFSGSGSGTSYSLTISSVE
AEDAATYYCQQFSGYPLTFGSGTKLEMKRADAAPTVSIFPPSSEQLTSGGASVVCFLNNFYPKDINVKWKIDGSERQNGV
LNSWTDQDSKDSTYSMSSTLTLTKDEYERHNSYTCEATHKTSTSPIVKSFNRNE
;
L
3 'polypeptide(L)'
;EVQLVESGGGLVKPGGSLKLSCAASGFTFSSYAMSWVRQSPEKRLEWVAEISSGGRYIYYSDTVTGRFTISRDNARNILH
LEMSSLRSEDTAMYYCARGEVRQRGFDYWGQGTTLTVSSAKTTAPSVYPLAPVCGDTTGSSVTLGCLVKGYFPEPVTLTW
NSGSLSSGVHTFPAVLQSDLYTLSSSVTVTSSTWPSQSITCNVAHPASSTKVDKKIEPR
;
H
#
# COMPACT_ATOMS: atom_id res chain seq x y z
N ASP A 1 -17.75 -10.29 -9.37
CA ASP A 1 -17.63 -10.73 -10.76
C ASP A 1 -16.20 -11.18 -11.07
N GLU A 2 -15.86 -11.15 -12.36
CA GLU A 2 -14.53 -11.49 -12.83
C GLU A 2 -14.22 -10.71 -14.09
N ARG A 3 -13.15 -9.93 -14.05
CA ARG A 3 -12.65 -9.20 -15.20
C ARG A 3 -11.25 -9.70 -15.55
N GLU A 4 -10.95 -9.71 -16.85
CA GLU A 4 -9.67 -10.18 -17.35
C GLU A 4 -8.52 -9.41 -16.71
N THR A 5 -7.36 -10.06 -16.62
CA THR A 5 -6.17 -9.45 -16.03
C THR A 5 -4.96 -9.74 -16.89
N TRP A 6 -3.90 -8.94 -16.73
CA TRP A 6 -2.67 -9.16 -17.48
C TRP A 6 -2.16 -10.57 -17.28
N SER A 7 -1.67 -11.18 -18.36
CA SER A 7 -1.07 -12.51 -18.25
C SER A 7 0.29 -12.43 -17.57
N GLY A 8 0.75 -11.22 -17.26
CA GLY A 8 2.03 -11.02 -16.60
C GLY A 8 2.25 -9.56 -16.27
N LYS A 9 3.01 -9.34 -15.21
CA LYS A 9 3.27 -7.97 -14.75
C LYS A 9 4.00 -7.15 -15.80
N VAL A 10 4.98 -7.75 -16.49
CA VAL A 10 5.76 -7.03 -17.49
C VAL A 10 4.87 -6.58 -18.66
N ASP A 11 3.89 -7.40 -19.04
CA ASP A 11 2.95 -7.00 -20.08
C ASP A 11 2.31 -5.65 -19.77
N PHE A 12 1.96 -5.43 -18.50
CA PHE A 12 1.41 -4.14 -18.10
C PHE A 12 2.48 -3.06 -18.15
N LEU A 13 3.61 -3.29 -17.48
CA LEU A 13 4.67 -2.29 -17.46
C LEU A 13 5.11 -1.88 -18.86
N LEU A 14 5.23 -2.85 -19.78
CA LEU A 14 5.65 -2.49 -21.12
C LEU A 14 4.54 -1.75 -21.86
N SER A 15 3.28 -2.16 -21.66
CA SER A 15 2.17 -1.42 -22.27
C SER A 15 2.15 0.03 -21.81
N VAL A 16 2.48 0.29 -20.54
CA VAL A 16 2.48 1.67 -20.07
C VAL A 16 3.72 2.41 -20.58
N ILE A 17 4.87 1.75 -20.60
CA ILE A 17 6.07 2.37 -21.13
C ILE A 17 5.92 2.64 -22.62
N GLY A 18 5.42 1.65 -23.36
CA GLY A 18 5.19 1.84 -24.79
C GLY A 18 4.25 2.97 -25.10
N PHE A 19 3.21 3.14 -24.27
CA PHE A 19 2.34 4.31 -24.43
C PHE A 19 3.08 5.59 -24.14
N ALA A 20 3.79 5.66 -23.00
CA ALA A 20 4.40 6.92 -22.60
C ALA A 20 5.58 7.32 -23.49
N VAL A 21 6.34 6.36 -24.01
CA VAL A 21 7.57 6.64 -24.71
C VAL A 21 7.30 6.62 -26.22
N ASP A 22 7.30 7.80 -26.84
CA ASP A 22 7.03 7.92 -28.27
C ASP A 22 7.98 8.96 -28.86
N LEU A 23 7.58 9.57 -29.99
CA LEU A 23 8.47 10.47 -30.73
C LEU A 23 8.73 11.77 -29.98
N ALA A 24 7.77 12.24 -29.18
CA ALA A 24 8.00 13.43 -28.38
C ALA A 24 9.18 13.28 -27.45
N ASN A 25 9.54 12.04 -27.07
CA ASN A 25 10.73 11.83 -26.26
C ASN A 25 12.01 12.02 -27.09
N VAL A 26 11.89 12.01 -28.41
CA VAL A 26 13.04 12.11 -29.32
C VAL A 26 13.11 13.48 -29.98
N TRP A 27 11.98 13.99 -30.49
CA TRP A 27 11.98 15.18 -31.33
C TRP A 27 11.49 16.43 -30.60
N ARG A 28 11.43 16.41 -29.26
CA ARG A 28 11.02 17.61 -28.54
C ARG A 28 11.86 17.84 -27.29
N PHE A 29 12.06 16.81 -26.47
CA PHE A 29 12.82 16.98 -25.23
C PHE A 29 14.24 17.49 -25.48
N PRO A 30 15.05 16.89 -26.36
CA PRO A 30 16.40 17.43 -26.56
C PRO A 30 16.38 18.85 -27.09
N TYR A 31 15.45 19.18 -27.98
CA TYR A 31 15.33 20.56 -28.45
C TYR A 31 15.12 21.52 -27.28
N LEU A 32 14.27 21.14 -26.32
CA LEU A 32 13.97 22.02 -25.20
C LEU A 32 15.20 22.23 -24.32
N CYS A 33 15.97 21.16 -24.07
CA CYS A 33 17.25 21.32 -23.38
C CYS A 33 18.15 22.27 -24.14
N TYR A 34 18.30 22.03 -25.45
CA TYR A 34 19.10 22.92 -26.28
C TYR A 34 18.60 24.36 -26.21
N LYS A 35 17.28 24.54 -26.36
CA LYS A 35 16.70 25.87 -26.42
C LYS A 35 16.73 26.59 -25.08
N ASN A 36 16.67 25.85 -23.96
CA ASN A 36 16.52 26.47 -22.65
C ASN A 36 17.69 26.19 -21.70
N GLY A 37 18.90 26.61 -22.07
CA GLY A 37 20.01 26.54 -21.15
C GLY A 37 20.53 25.16 -20.80
N GLY A 38 20.37 24.18 -21.69
CA GLY A 38 21.01 22.89 -21.51
C GLY A 38 20.59 22.20 -20.22
N GLY A 39 21.59 21.64 -19.52
CA GLY A 39 21.36 20.94 -18.26
C GLY A 39 20.57 21.74 -17.25
N ALA A 40 20.63 23.07 -17.32
CA ALA A 40 19.81 23.90 -16.43
C ALA A 40 18.32 23.65 -16.63
N PHE A 41 17.91 23.29 -17.85
CA PHE A 41 16.50 22.98 -18.10
C PHE A 41 16.03 21.78 -17.28
N LEU A 42 16.95 20.91 -16.84
CA LEU A 42 16.55 19.79 -15.99
C LEU A 42 15.94 20.24 -14.67
N VAL A 43 16.30 21.43 -14.18
CA VAL A 43 15.76 21.90 -12.91
C VAL A 43 14.24 22.11 -13.03
N PRO A 44 13.73 23.01 -13.88
CA PRO A 44 12.27 23.14 -13.96
C PRO A 44 11.61 21.91 -14.53
N TYR A 45 12.30 21.18 -15.42
CA TYR A 45 11.74 19.94 -15.95
C TYR A 45 11.53 18.93 -14.83
N GLY A 46 12.49 18.84 -13.89
CA GLY A 46 12.34 17.93 -12.77
C GLY A 46 11.30 18.38 -11.76
N ILE A 47 11.24 19.69 -11.49
CA ILE A 47 10.26 20.21 -10.53
C ILE A 47 8.86 20.02 -11.08
N MET A 48 8.65 20.36 -12.35
CA MET A 48 7.34 20.18 -12.95
C MET A 48 6.98 18.71 -13.05
N LEU A 49 8.00 17.84 -13.12
CA LEU A 49 7.76 16.41 -13.17
C LEU A 49 7.32 15.89 -11.80
N ALA A 50 7.89 16.44 -10.72
CA ALA A 50 7.64 15.89 -9.39
C ALA A 50 6.41 16.48 -8.72
N VAL A 51 5.97 17.67 -9.15
CA VAL A 51 4.82 18.31 -8.50
C VAL A 51 3.55 18.30 -9.35
N GLY A 52 3.68 18.18 -10.66
CA GLY A 52 2.51 18.15 -11.52
C GLY A 52 2.35 16.84 -12.27
N GLY A 53 3.39 16.45 -13.00
CA GLY A 53 3.34 15.27 -13.86
C GLY A 53 3.07 13.95 -13.19
N ILE A 54 4.01 13.48 -12.38
CA ILE A 54 3.94 12.17 -11.73
C ILE A 54 2.74 12.09 -10.78
N PRO A 55 2.42 13.14 -10.00
CA PRO A 55 1.16 13.09 -9.23
C PRO A 55 -0.07 12.79 -10.07
N LEU A 56 -0.17 13.37 -11.27
CA LEU A 56 -1.30 13.07 -12.14
C LEU A 56 -1.16 11.66 -12.76
N PHE A 57 0.06 11.28 -13.12
CA PHE A 57 0.34 9.94 -13.63
C PHE A 57 -0.05 8.88 -12.61
N TYR A 58 0.39 9.07 -11.36
CA TYR A 58 0.07 8.15 -10.28
C TYR A 58 -1.43 8.07 -10.03
N MET A 59 -2.11 9.21 -10.01
CA MET A 59 -3.55 9.26 -9.77
C MET A 59 -4.31 8.32 -10.70
N GLU A 60 -4.22 8.57 -12.02
CA GLU A 60 -5.00 7.79 -12.97
C GLU A 60 -4.69 6.31 -12.91
N LEU A 61 -3.41 5.97 -12.73
CA LEU A 61 -3.02 4.56 -12.60
C LEU A 61 -3.67 3.93 -11.38
N ALA A 62 -3.56 4.59 -10.22
CA ALA A 62 -4.23 4.11 -9.02
C ALA A 62 -5.75 4.08 -9.23
N LEU A 63 -6.29 5.17 -9.76
CA LEU A 63 -7.73 5.26 -9.95
C LEU A 63 -8.26 4.20 -10.91
N GLY A 64 -7.46 3.82 -11.91
CA GLY A 64 -7.91 2.82 -12.85
C GLY A 64 -7.87 1.41 -12.29
N GLN A 65 -6.80 1.10 -11.54
CA GLN A 65 -6.70 -0.20 -10.88
C GLN A 65 -7.81 -0.39 -9.84
N HIS A 66 -8.21 0.69 -9.16
CA HIS A 66 -9.10 0.52 -8.02
C HIS A 66 -10.55 0.34 -8.43
N ASN A 67 -10.96 0.95 -9.54
CA ASN A 67 -12.36 0.93 -9.95
C ASN A 67 -12.65 -0.09 -11.03
N ARG A 68 -11.62 -0.73 -11.57
CA ARG A 68 -11.77 -1.93 -12.41
C ARG A 68 -12.57 -1.66 -13.69
N LYS A 69 -12.71 -0.41 -14.10
CA LYS A 69 -13.54 -0.05 -15.24
C LYS A 69 -12.84 0.99 -16.11
N GLY A 70 -13.31 1.12 -17.35
CA GLY A 70 -12.80 2.09 -18.29
C GLY A 70 -13.22 3.52 -17.92
N ALA A 71 -12.92 4.44 -18.83
CA ALA A 71 -12.98 5.87 -18.49
C ALA A 71 -14.41 6.37 -18.25
N ILE A 72 -15.37 5.87 -19.03
CA ILE A 72 -16.75 6.36 -18.90
C ILE A 72 -17.38 5.86 -17.60
N THR A 73 -17.32 4.55 -17.36
CA THR A 73 -17.89 3.96 -16.15
C THR A 73 -17.17 4.45 -14.89
N CYS A 74 -15.84 4.52 -14.94
CA CYS A 74 -15.06 4.90 -13.77
C CYS A 74 -15.48 6.27 -13.24
N TRP A 75 -15.54 7.27 -14.11
CA TRP A 75 -15.95 8.60 -13.66
C TRP A 75 -17.44 8.66 -13.36
N GLY A 76 -18.24 7.76 -13.93
CA GLY A 76 -19.64 7.67 -13.52
C GLY A 76 -19.77 7.04 -12.14
N ARG A 77 -18.96 5.99 -11.88
CA ARG A 77 -18.92 5.29 -10.60
C ARG A 77 -18.19 6.08 -9.52
N LEU A 78 -17.66 7.26 -9.83
CA LEU A 78 -16.88 8.04 -8.89
C LEU A 78 -17.58 9.35 -8.52
N VAL A 79 -17.80 10.22 -9.51
CA VAL A 79 -18.63 11.40 -9.34
C VAL A 79 -19.65 11.37 -10.48
N PRO A 80 -20.87 10.86 -10.24
CA PRO A 80 -21.81 10.68 -11.35
C PRO A 80 -22.11 11.95 -12.12
N LEU A 81 -22.16 13.09 -11.42
CA LEU A 81 -22.32 14.38 -12.06
C LEU A 81 -21.26 14.63 -13.12
N PHE A 82 -20.09 14.01 -13.00
CA PHE A 82 -18.97 14.23 -13.91
C PHE A 82 -18.68 13.00 -14.77
N LYS A 83 -19.68 12.14 -14.98
CA LYS A 83 -19.53 11.05 -15.94
C LYS A 83 -19.13 11.57 -17.32
N GLY A 84 -19.45 12.83 -17.62
CA GLY A 84 -19.07 13.39 -18.92
C GLY A 84 -17.57 13.47 -19.15
N ILE A 85 -16.80 13.60 -18.06
CA ILE A 85 -15.34 13.56 -18.16
C ILE A 85 -14.90 12.33 -18.95
N GLY A 86 -15.43 11.16 -18.56
CA GLY A 86 -15.13 9.95 -19.32
C GLY A 86 -15.52 10.10 -20.77
N TYR A 87 -16.73 10.61 -21.02
CA TYR A 87 -17.17 10.79 -22.39
C TYR A 87 -16.23 11.73 -23.13
N ALA A 88 -15.90 12.88 -22.53
CA ALA A 88 -15.00 13.83 -23.14
C ALA A 88 -13.68 13.18 -23.53
N VAL A 89 -13.05 12.47 -22.60
CA VAL A 89 -11.72 11.90 -22.80
C VAL A 89 -11.74 10.78 -23.86
N VAL A 90 -12.81 9.99 -23.92
CA VAL A 90 -12.86 8.88 -24.86
C VAL A 90 -12.80 9.38 -26.30
N LEU A 91 -13.52 10.47 -26.62
CA LEU A 91 -13.47 10.89 -28.01
C LEU A 91 -12.37 11.89 -28.32
N ILE A 92 -11.74 12.50 -27.30
CA ILE A 92 -10.44 13.12 -27.53
C ILE A 92 -9.46 12.08 -28.10
N ALA A 93 -9.32 10.96 -27.39
CA ALA A 93 -8.52 9.86 -27.91
C ALA A 93 -9.05 9.34 -29.24
N PHE A 94 -10.36 9.44 -29.47
CA PHE A 94 -10.91 9.07 -30.77
C PHE A 94 -10.42 10.03 -31.85
N TYR A 95 -10.38 11.32 -31.54
CA TYR A 95 -9.91 12.30 -32.52
C TYR A 95 -8.44 12.09 -32.84
N VAL A 96 -7.61 11.93 -31.80
CA VAL A 96 -6.16 11.81 -31.97
C VAL A 96 -5.81 10.66 -32.90
N GLY A 97 -6.60 9.58 -32.88
CA GLY A 97 -6.36 8.49 -33.78
C GLY A 97 -6.42 8.86 -35.25
N PHE A 98 -6.91 10.06 -35.57
CA PHE A 98 -7.03 10.47 -36.96
C PHE A 98 -5.77 11.15 -37.50
N TYR A 99 -4.77 11.44 -36.65
CA TYR A 99 -3.57 12.12 -37.15
C TYR A 99 -2.30 11.47 -36.64
N TYR A 100 -2.36 10.83 -35.45
CA TYR A 100 -1.15 10.27 -34.86
C TYR A 100 -0.58 9.14 -35.71
N ASN A 101 -1.45 8.24 -36.20
CA ASN A 101 -0.97 7.13 -37.02
C ASN A 101 -0.39 7.58 -38.36
N VAL A 102 -0.65 8.82 -38.78
CA VAL A 102 -0.03 9.33 -40.01
C VAL A 102 1.49 9.33 -39.87
N ILE A 103 1.99 9.59 -38.66
CA ILE A 103 3.43 9.61 -38.42
C ILE A 103 4.01 8.21 -38.58
N ILE A 104 3.29 7.17 -38.17
CA ILE A 104 3.79 5.82 -38.32
C ILE A 104 3.80 5.42 -39.79
N ALA A 105 2.79 5.87 -40.54
CA ALA A 105 2.77 5.63 -41.98
C ALA A 105 3.99 6.24 -42.66
N TRP A 106 4.28 7.51 -42.33
CA TRP A 106 5.49 8.15 -42.86
C TRP A 106 6.74 7.35 -42.49
N SER A 107 6.82 6.90 -41.25
CA SER A 107 7.98 6.11 -40.82
C SER A 107 8.12 4.84 -41.67
N LEU A 108 6.99 4.22 -42.01
CA LEU A 108 7.04 3.00 -42.84
C LEU A 108 7.35 3.32 -44.29
N ARG A 109 6.89 4.48 -44.80
CA ARG A 109 7.24 4.85 -46.17
C ARG A 109 8.75 5.07 -46.31
N PHE A 110 9.36 5.78 -45.37
CA PHE A 110 10.81 5.94 -45.38
C PHE A 110 11.53 4.61 -45.16
N PHE A 111 10.92 3.69 -44.39
CA PHE A 111 11.48 2.35 -44.25
C PHE A 111 11.53 1.64 -45.59
N PHE A 112 10.39 1.56 -46.29
CA PHE A 112 10.38 0.93 -47.61
C PHE A 112 11.23 1.70 -48.60
N ALA A 113 11.41 3.00 -48.38
CA ALA A 113 12.23 3.81 -49.27
C ALA A 113 13.73 3.60 -49.07
N SER A 114 14.14 2.99 -47.95
CA SER A 114 15.55 2.81 -47.64
C SER A 114 16.11 1.46 -48.10
N PHE A 115 15.43 0.78 -49.03
CA PHE A 115 15.91 -0.50 -49.54
C PHE A 115 16.76 -0.27 -50.81
N THR A 116 17.95 0.28 -50.59
CA THR A 116 18.91 0.60 -51.64
C THR A 116 20.22 1.00 -51.01
N ASN A 117 21.28 0.99 -51.82
CA ASN A 117 22.60 1.47 -51.43
C ASN A 117 22.81 2.94 -51.75
N SER A 118 21.83 3.59 -52.36
CA SER A 118 21.89 5.02 -52.65
C SER A 118 20.57 5.62 -52.16
N LEU A 119 20.56 6.04 -50.90
CA LEU A 119 19.38 6.65 -50.28
C LEU A 119 18.95 7.87 -51.10
N PRO A 120 17.69 7.96 -51.51
CA PRO A 120 17.31 9.00 -52.50
C PRO A 120 17.41 10.43 -51.99
N TRP A 121 17.23 10.67 -50.70
CA TRP A 121 17.14 12.02 -50.15
C TRP A 121 18.51 12.71 -49.98
N THR A 122 19.56 12.27 -50.68
CA THR A 122 20.88 12.85 -50.48
C THR A 122 21.31 13.81 -51.59
N SER A 123 20.66 13.75 -52.75
CA SER A 123 21.06 14.50 -53.93
C SER A 123 20.05 15.60 -54.27
N CYS A 124 20.50 16.60 -55.03
CA CYS A 124 19.68 17.73 -55.46
C CYS A 124 19.39 17.72 -56.95
N ASN A 125 19.60 16.58 -57.62
CA ASN A 125 19.49 16.48 -59.07
C ASN A 125 18.43 15.45 -59.49
N ASN A 126 17.31 15.42 -58.78
CA ASN A 126 16.20 14.54 -59.11
C ASN A 126 15.04 15.32 -59.71
N ILE A 127 14.01 14.58 -60.15
CA ILE A 127 12.87 15.22 -60.79
C ILE A 127 12.07 16.06 -59.82
N TRP A 128 12.11 15.74 -58.54
CA TRP A 128 11.35 16.45 -57.52
C TRP A 128 12.08 17.67 -56.97
N ASN A 129 13.24 18.02 -57.50
CA ASN A 129 14.06 19.09 -56.94
C ASN A 129 13.83 20.43 -57.63
N THR A 130 14.23 21.50 -56.95
CA THR A 130 14.15 22.86 -57.44
C THR A 130 15.57 23.39 -57.71
N PRO A 131 15.70 24.53 -58.40
CA PRO A 131 17.03 25.14 -58.52
C PRO A 131 17.60 25.60 -57.19
N ASN A 132 16.75 25.81 -56.19
CA ASN A 132 17.17 26.30 -54.89
C ASN A 132 17.53 25.20 -53.91
N CYS A 133 17.70 23.97 -54.38
CA CYS A 133 18.04 22.88 -53.49
C CYS A 133 19.46 23.01 -52.97
N ARG A 134 19.64 22.73 -51.68
CA ARG A 134 20.95 22.70 -51.03
C ARG A 134 21.27 21.29 -50.57
N PRO A 135 22.55 20.93 -50.46
CA PRO A 135 22.87 19.60 -49.91
C PRO A 135 22.51 19.45 -48.45
N PHE A 136 22.60 20.51 -47.63
CA PHE A 136 22.29 20.39 -46.21
C PHE A 136 21.58 21.67 -45.75
N GLU A 137 21.03 21.62 -44.53
CA GLU A 137 20.12 22.65 -44.06
C GLU A 137 20.77 24.03 -44.04
N GLY A 138 19.98 25.04 -44.42
CA GLY A 138 20.40 26.44 -44.33
C GLY A 138 19.53 27.24 -43.38
N HIS A 139 19.44 28.55 -43.60
CA HIS A 139 18.61 29.43 -42.78
C HIS A 139 17.92 30.49 -43.64
N VAL A 140 17.59 30.14 -44.88
CA VAL A 140 16.83 30.99 -45.79
C VAL A 140 15.65 30.17 -46.32
N GLU A 141 14.43 30.73 -46.22
CA GLU A 141 13.22 29.95 -46.45
C GLU A 141 13.17 29.39 -47.87
N GLY A 142 13.44 30.22 -48.87
CA GLY A 142 13.29 29.77 -50.25
C GLY A 142 14.34 28.81 -50.73
N PHE A 143 15.33 28.45 -49.91
CA PHE A 143 16.42 27.58 -50.32
C PHE A 143 16.48 26.40 -49.36
N GLN A 144 15.98 25.25 -49.80
CA GLN A 144 15.72 24.12 -48.93
C GLN A 144 16.76 23.02 -49.17
N SER A 145 16.92 22.14 -48.19
CA SER A 145 17.91 21.08 -48.26
C SER A 145 17.43 19.92 -49.12
N ALA A 146 18.38 19.08 -49.53
CA ALA A 146 18.04 17.91 -50.35
C ALA A 146 17.09 16.98 -49.63
N ALA A 147 17.22 16.88 -48.30
CA ALA A 147 16.33 16.02 -47.52
C ALA A 147 14.98 16.65 -47.28
N SER A 148 14.93 17.98 -47.22
CA SER A 148 13.65 18.64 -47.05
C SER A 148 12.81 18.65 -48.32
N GLU A 149 13.45 18.61 -49.49
CA GLU A 149 12.67 18.59 -50.72
C GLU A 149 12.20 17.18 -51.07
N TYR A 150 12.97 16.15 -50.68
CA TYR A 150 12.51 14.78 -50.84
C TYR A 150 11.24 14.54 -50.02
N PHE A 151 11.26 14.96 -48.75
CA PHE A 151 10.10 14.80 -47.87
C PHE A 151 8.92 15.63 -48.35
N ASN A 152 9.17 16.84 -48.84
CA ASN A 152 8.11 17.78 -49.17
C ASN A 152 7.60 17.64 -50.60
N ARG A 153 8.47 17.30 -51.56
CA ARG A 153 8.08 17.28 -52.96
C ARG A 153 7.89 15.88 -53.54
N TYR A 154 8.41 14.83 -52.88
CA TYR A 154 8.23 13.46 -53.34
C TYR A 154 7.35 12.64 -52.40
N ILE A 155 7.74 12.51 -51.12
CA ILE A 155 6.95 11.74 -50.17
C ILE A 155 5.58 12.38 -49.96
N LEU A 156 5.57 13.66 -49.57
CA LEU A 156 4.32 14.34 -49.27
C LEU A 156 3.59 14.88 -50.49
N GLU A 157 4.34 15.37 -51.49
CA GLU A 157 3.78 16.13 -52.62
C GLU A 157 2.99 17.35 -52.13
N LEU A 158 3.50 17.96 -51.05
CA LEU A 158 2.83 19.11 -50.43
C LEU A 158 2.91 20.36 -51.28
N ASN A 159 3.85 20.43 -52.24
CA ASN A 159 3.94 21.59 -53.11
C ASN A 159 2.73 21.73 -54.03
N ARG A 160 1.87 20.71 -54.10
CA ARG A 160 0.75 20.69 -55.02
C ARG A 160 -0.58 21.02 -54.35
N SER A 161 -0.54 21.48 -53.10
CA SER A 161 -1.74 21.84 -52.35
C SER A 161 -1.66 23.32 -52.01
N GLU A 162 -2.65 24.08 -52.47
CA GLU A 162 -2.73 25.50 -52.14
C GLU A 162 -3.25 25.76 -50.74
N GLY A 163 -3.60 24.71 -50.01
CA GLY A 163 -4.11 24.84 -48.66
C GLY A 163 -5.00 23.67 -48.31
N ILE A 164 -5.76 23.82 -47.22
CA ILE A 164 -6.60 22.73 -46.75
C ILE A 164 -7.81 22.54 -47.64
N HIS A 165 -8.19 23.56 -48.41
CA HIS A 165 -9.26 23.41 -49.39
C HIS A 165 -8.83 22.54 -50.56
N ASP A 166 -7.55 22.60 -50.95
CA ASP A 166 -6.98 21.86 -52.07
C ASP A 166 -6.18 20.69 -51.49
N LEU A 167 -6.85 19.56 -51.29
CA LEU A 167 -6.14 18.35 -50.86
C LEU A 167 -5.56 17.57 -52.03
N GLY A 168 -6.23 17.57 -53.18
CA GLY A 168 -5.64 16.96 -54.36
C GLY A 168 -5.76 15.44 -54.38
N ALA A 169 -4.80 14.81 -55.07
CA ALA A 169 -4.86 13.38 -55.33
C ALA A 169 -4.53 12.58 -54.06
N ILE A 170 -5.04 11.35 -54.01
CA ILE A 170 -4.68 10.41 -52.95
C ILE A 170 -3.39 9.71 -53.34
N LYS A 171 -2.43 9.66 -52.42
CA LYS A 171 -1.17 8.96 -52.65
C LYS A 171 -1.37 7.52 -52.17
N TRP A 172 -1.61 6.60 -53.10
CA TRP A 172 -1.91 5.23 -52.70
C TRP A 172 -0.69 4.50 -52.15
N ASP A 173 0.53 4.96 -52.43
CA ASP A 173 1.67 4.47 -51.68
C ASP A 173 1.55 4.86 -50.20
N MET A 174 1.13 6.09 -49.92
CA MET A 174 0.86 6.49 -48.54
C MET A 174 -0.36 5.78 -47.99
N ALA A 175 -1.46 5.76 -48.76
CA ALA A 175 -2.66 5.06 -48.32
C ALA A 175 -2.37 3.61 -47.96
N LEU A 176 -1.42 2.99 -48.66
CA LEU A 176 -1.05 1.61 -48.35
C LEU A 176 -0.30 1.53 -47.03
N CYS A 177 0.68 2.41 -46.82
CA CYS A 177 1.42 2.41 -45.57
C CYS A 177 0.48 2.64 -44.39
N LEU A 178 -0.50 3.53 -44.54
CA LEU A 178 -1.45 3.76 -43.45
C LEU A 178 -2.24 2.50 -43.13
N LEU A 179 -2.66 1.77 -44.17
CA LEU A 179 -3.41 0.53 -43.96
C LEU A 179 -2.57 -0.48 -43.18
N ILE A 180 -1.29 -0.64 -43.56
CA ILE A 180 -0.38 -1.52 -42.83
C ILE A 180 -0.29 -1.13 -41.36
N VAL A 181 -0.36 0.17 -41.06
CA VAL A 181 -0.37 0.61 -39.67
C VAL A 181 -1.62 0.09 -38.96
N TYR A 182 -2.79 0.29 -39.57
CA TYR A 182 -4.04 -0.14 -38.92
C TYR A 182 -4.17 -1.65 -38.90
N LEU A 183 -3.56 -2.35 -39.86
CA LEU A 183 -3.52 -3.80 -39.78
C LEU A 183 -2.75 -4.28 -38.55
N ILE A 184 -1.54 -3.76 -38.37
CA ILE A 184 -0.77 -4.07 -37.16
C ILE A 184 -1.59 -3.75 -35.92
N CYS A 185 -2.17 -2.55 -35.88
CA CYS A 185 -3.00 -2.18 -34.73
C CYS A 185 -4.19 -3.11 -34.55
N TYR A 186 -4.65 -3.77 -35.61
CA TYR A 186 -5.78 -4.68 -35.45
C TYR A 186 -5.37 -6.00 -34.82
N PHE A 187 -4.48 -6.76 -35.50
CA PHE A 187 -4.03 -8.07 -35.03
C PHE A 187 -3.19 -7.99 -33.75
N SER A 188 -3.01 -6.78 -33.20
CA SER A 188 -2.49 -6.61 -31.86
C SER A 188 -3.55 -6.24 -30.82
N LEU A 189 -4.73 -5.77 -31.24
CA LEU A 189 -5.72 -5.30 -30.29
C LEU A 189 -7.04 -6.06 -30.29
N TRP A 190 -7.26 -6.97 -31.24
CA TRP A 190 -8.61 -7.54 -31.41
C TRP A 190 -8.94 -8.56 -30.31
N LYS A 191 -7.94 -9.30 -29.83
CA LYS A 191 -8.19 -10.32 -28.83
C LYS A 191 -7.91 -9.82 -27.41
N GLY A 192 -7.77 -8.50 -27.23
CA GLY A 192 -7.51 -7.95 -25.90
C GLY A 192 -6.06 -8.12 -25.46
N ILE A 193 -5.83 -7.78 -24.18
CA ILE A 193 -4.48 -7.71 -23.62
C ILE A 193 -3.79 -9.06 -23.58
N SER A 194 -4.54 -10.15 -23.79
CA SER A 194 -3.94 -11.48 -23.92
C SER A 194 -2.85 -11.48 -24.99
N THR A 195 -3.11 -10.83 -26.12
CA THR A 195 -2.17 -10.68 -27.22
C THR A 195 -1.53 -9.29 -27.26
N SER A 196 -2.31 -8.24 -26.96
CA SER A 196 -1.76 -6.88 -26.90
C SER A 196 -0.56 -6.82 -25.95
N GLY A 197 -0.72 -7.35 -24.74
CA GLY A 197 0.33 -7.36 -23.75
C GLY A 197 1.58 -8.12 -24.16
N LYS A 198 1.55 -8.79 -25.32
CA LYS A 198 2.72 -9.47 -25.83
C LYS A 198 3.39 -8.72 -26.97
N VAL A 199 2.63 -8.01 -27.80
CA VAL A 199 3.22 -7.24 -28.89
C VAL A 199 4.08 -6.10 -28.33
N VAL A 200 3.64 -5.51 -27.22
CA VAL A 200 4.39 -4.42 -26.61
C VAL A 200 5.80 -4.87 -26.23
N TRP A 201 6.00 -6.17 -26.01
CA TRP A 201 7.35 -6.69 -25.80
C TRP A 201 8.29 -6.26 -26.92
N PHE A 202 7.81 -6.29 -28.17
CA PHE A 202 8.66 -5.85 -29.27
C PHE A 202 8.65 -4.33 -29.41
N THR A 203 7.45 -3.74 -29.52
CA THR A 203 7.32 -2.30 -29.82
C THR A 203 7.94 -1.42 -28.74
N ALA A 204 7.92 -1.88 -27.48
CA ALA A 204 8.50 -1.06 -26.40
C ALA A 204 9.97 -1.35 -26.16
N LEU A 205 10.47 -2.52 -26.59
CA LEU A 205 11.88 -2.85 -26.32
C LEU A 205 12.77 -2.58 -27.51
N PHE A 206 12.29 -2.88 -28.72
CA PHE A 206 13.07 -2.63 -29.92
C PHE A 206 13.68 -1.23 -29.96
N PRO A 207 12.95 -0.15 -29.60
CA PRO A 207 13.58 1.17 -29.63
C PRO A 207 14.84 1.27 -28.81
N TYR A 208 14.92 0.55 -27.69
CA TYR A 208 16.08 0.66 -26.83
C TYR A 208 17.31 0.06 -27.50
N ALA A 209 17.14 -1.05 -28.22
CA ALA A 209 18.24 -1.61 -28.98
C ALA A 209 18.76 -0.61 -30.01
N VAL A 210 17.83 0.01 -30.75
CA VAL A 210 18.21 0.98 -31.77
C VAL A 210 18.89 2.18 -31.13
N LEU A 211 18.28 2.73 -30.07
CA LEU A 211 18.92 3.80 -29.31
C LEU A 211 20.34 3.41 -28.91
N LEU A 212 20.52 2.20 -28.38
CA LEU A 212 21.85 1.73 -27.99
C LEU A 212 22.82 1.77 -29.17
N ILE A 213 22.42 1.19 -30.30
CA ILE A 213 23.28 1.20 -31.49
C ILE A 213 23.58 2.64 -31.90
N LEU A 214 22.54 3.42 -32.15
CA LEU A 214 22.72 4.79 -32.61
C LEU A 214 23.49 5.63 -31.60
N LEU A 215 23.34 5.34 -30.30
CA LEU A 215 24.14 6.04 -29.30
C LEU A 215 25.64 5.78 -29.52
N ILE A 216 26.02 4.52 -29.78
CA ILE A 216 27.43 4.21 -29.99
C ILE A 216 27.91 4.77 -31.31
N ARG A 217 27.08 4.68 -32.36
CA ARG A 217 27.48 5.23 -33.65
C ARG A 217 27.65 6.74 -33.56
N GLY A 218 26.75 7.42 -32.84
CA GLY A 218 26.81 8.87 -32.76
C GLY A 218 28.02 9.35 -31.98
N LEU A 219 28.29 8.73 -30.83
CA LEU A 219 29.38 9.20 -29.98
C LEU A 219 30.75 8.91 -30.60
N THR A 220 30.85 7.87 -31.43
CA THR A 220 32.09 7.56 -32.13
C THR A 220 32.35 8.49 -33.31
N LEU A 221 31.34 9.27 -33.76
CA LEU A 221 31.43 10.25 -34.83
C LEU A 221 32.31 11.45 -34.46
N PRO A 222 33.09 11.95 -35.41
CA PRO A 222 33.81 13.22 -35.19
C PRO A 222 32.83 14.37 -34.97
N GLY A 223 33.12 15.19 -33.96
CA GLY A 223 32.23 16.27 -33.57
C GLY A 223 31.13 15.87 -32.61
N SER A 224 31.03 14.59 -32.23
CA SER A 224 29.99 14.17 -31.30
C SER A 224 30.04 14.96 -30.01
N PHE A 225 31.23 15.14 -29.42
CA PHE A 225 31.29 15.87 -28.16
C PHE A 225 30.84 17.32 -28.31
N LEU A 226 30.98 17.89 -29.50
CA LEU A 226 30.51 19.26 -29.70
C LEU A 226 28.99 19.32 -29.59
N GLY A 227 28.30 18.33 -30.14
CA GLY A 227 26.85 18.28 -30.00
C GLY A 227 26.40 18.14 -28.56
N ILE A 228 27.06 17.25 -27.80
CA ILE A 228 26.73 17.09 -26.38
C ILE A 228 26.90 18.41 -25.64
N GLN A 229 27.88 19.22 -26.04
CA GLN A 229 28.04 20.55 -25.46
C GLN A 229 26.80 21.39 -25.72
N TYR A 230 26.42 21.52 -27.00
CA TYR A 230 25.20 22.25 -27.33
C TYR A 230 23.98 21.67 -26.61
N TYR A 231 23.97 20.36 -26.41
CA TYR A 231 22.86 19.69 -25.76
C TYR A 231 22.77 20.07 -24.29
N LEU A 232 23.89 19.98 -23.55
CA LEU A 232 23.85 20.01 -22.10
C LEU A 232 24.63 21.13 -21.43
N THR A 233 25.34 21.98 -22.17
CA THR A 233 26.07 23.08 -21.50
C THR A 233 25.10 23.99 -20.76
N PRO A 234 25.18 24.07 -19.44
CA PRO A 234 24.14 24.77 -18.66
C PRO A 234 24.23 26.28 -18.74
N ASN A 235 23.06 26.91 -18.62
CA ASN A 235 22.98 28.38 -18.58
C ASN A 235 21.71 28.73 -17.80
N PHE A 236 21.86 29.04 -16.50
CA PHE A 236 20.72 29.27 -15.63
C PHE A 236 20.08 30.64 -15.82
N SER A 237 20.52 31.42 -16.81
CA SER A 237 19.82 32.64 -17.16
C SER A 237 18.38 32.36 -17.55
N ALA A 238 18.09 31.15 -18.03
CA ALA A 238 16.74 30.79 -18.47
C ALA A 238 15.78 30.55 -17.30
N ILE A 239 16.25 29.95 -16.20
CA ILE A 239 15.37 29.59 -15.09
C ILE A 239 14.59 30.79 -14.59
N TYR A 240 15.15 32.00 -14.71
CA TYR A 240 14.44 33.21 -14.33
C TYR A 240 13.29 33.54 -15.28
N LYS A 241 13.25 32.95 -16.47
CA LYS A 241 12.22 33.25 -17.46
C LYS A 241 11.01 32.32 -17.29
N ALA A 242 9.82 32.87 -17.54
CA ALA A 242 8.59 32.11 -17.33
C ALA A 242 8.32 31.14 -18.48
N GLU A 243 8.64 31.53 -19.71
CA GLU A 243 8.38 30.68 -20.87
C GLU A 243 9.14 29.36 -20.80
N VAL A 244 10.22 29.29 -20.01
CA VAL A 244 10.93 28.03 -19.81
C VAL A 244 10.09 27.09 -18.93
N TRP A 245 9.67 27.59 -17.76
CA TRP A 245 8.85 26.77 -16.87
C TRP A 245 7.59 26.28 -17.57
N VAL A 246 7.10 27.00 -18.58
CA VAL A 246 5.96 26.53 -19.36
C VAL A 246 6.35 25.37 -20.26
N ASP A 247 7.47 25.52 -20.98
CA ASP A 247 7.95 24.41 -21.81
C ASP A 247 8.13 23.15 -20.97
N ALA A 248 8.78 23.28 -19.81
CA ALA A 248 8.96 22.13 -18.93
C ALA A 248 7.62 21.56 -18.49
N ALA A 249 6.72 22.41 -18.00
CA ALA A 249 5.41 21.93 -17.56
C ALA A 249 4.69 21.21 -18.69
N THR A 250 4.65 21.83 -19.86
CA THR A 250 3.88 21.27 -20.96
C THR A 250 4.49 19.97 -21.48
N GLN A 251 5.82 19.90 -21.59
CA GLN A 251 6.43 18.65 -22.06
C GLN A 251 6.19 17.53 -21.06
N VAL A 252 6.37 17.82 -19.76
CA VAL A 252 6.13 16.83 -18.72
C VAL A 252 4.72 16.29 -18.83
N PHE A 253 3.73 17.18 -18.90
CA PHE A 253 2.34 16.74 -18.93
C PHE A 253 2.01 15.94 -20.19
N PHE A 254 2.67 16.23 -21.31
CA PHE A 254 2.36 15.54 -22.55
C PHE A 254 3.23 14.32 -22.80
N SER A 255 4.46 14.29 -22.27
CA SER A 255 5.29 13.10 -22.43
C SER A 255 4.73 11.94 -21.61
N LEU A 256 4.37 12.19 -20.37
CA LEU A 256 3.44 11.29 -19.70
C LEU A 256 2.05 11.51 -20.28
N GLY A 257 1.14 10.55 -20.07
CA GLY A 257 -0.18 10.69 -20.63
C GLY A 257 -1.45 10.95 -19.85
N PRO A 258 -1.33 11.47 -18.62
CA PRO A 258 -2.37 11.38 -17.58
C PRO A 258 -3.67 12.05 -18.02
N GLY A 259 -4.78 11.41 -17.63
CA GLY A 259 -6.10 11.92 -17.98
C GLY A 259 -6.67 11.42 -19.28
N PHE A 260 -5.87 10.77 -20.13
CA PHE A 260 -6.38 10.30 -21.42
C PHE A 260 -7.16 9.01 -21.31
N GLY A 261 -7.42 8.51 -20.11
CA GLY A 261 -8.08 7.23 -19.94
C GLY A 261 -7.28 6.03 -20.38
N VAL A 262 -6.06 6.23 -20.88
CA VAL A 262 -5.22 5.11 -21.30
C VAL A 262 -4.69 4.37 -20.07
N LEU A 263 -3.90 5.07 -19.25
CA LEU A 263 -3.45 4.48 -17.99
C LEU A 263 -4.61 3.94 -17.17
N LEU A 264 -5.73 4.68 -17.13
CA LEU A 264 -6.92 4.17 -16.49
C LEU A 264 -7.28 2.79 -17.02
N ALA A 265 -7.51 2.69 -18.33
CA ALA A 265 -7.86 1.41 -18.92
C ALA A 265 -6.78 0.36 -18.69
N TYR A 266 -5.51 0.76 -18.77
CA TYR A 266 -4.44 -0.21 -18.63
C TYR A 266 -4.38 -0.78 -17.22
N ALA A 267 -4.38 0.10 -16.21
CA ALA A 267 -4.37 -0.35 -14.82
C ALA A 267 -5.65 -1.06 -14.43
N SER A 268 -6.71 -0.95 -15.23
CA SER A 268 -7.99 -1.55 -14.87
C SER A 268 -7.92 -3.08 -14.87
N TYR A 269 -6.96 -3.65 -15.60
CA TYR A 269 -6.73 -5.09 -15.61
C TYR A 269 -5.62 -5.49 -14.64
N ASN A 270 -5.22 -4.60 -13.76
CA ASN A 270 -4.28 -4.97 -12.71
C ASN A 270 -5.01 -5.69 -11.58
N LYS A 271 -4.25 -6.49 -10.83
CA LYS A 271 -4.77 -7.08 -9.61
C LYS A 271 -4.98 -6.00 -8.55
N TYR A 272 -6.08 -6.13 -7.79
CA TYR A 272 -6.48 -5.07 -6.86
C TYR A 272 -5.39 -4.71 -5.88
N HIS A 273 -4.56 -5.67 -5.47
CA HIS A 273 -3.53 -5.43 -4.46
C HIS A 273 -2.14 -5.28 -5.05
N ASN A 274 -2.06 -5.02 -6.35
CA ASN A 274 -0.80 -4.68 -7.01
C ASN A 274 -0.25 -3.36 -6.51
N ASN A 275 1.07 -3.30 -6.33
CA ASN A 275 1.72 -2.09 -5.83
C ASN A 275 1.84 -1.10 -6.99
N VAL A 276 0.73 -0.42 -7.29
CA VAL A 276 0.69 0.53 -8.40
C VAL A 276 1.60 1.72 -8.14
N TYR A 277 1.78 2.10 -6.87
CA TYR A 277 2.65 3.22 -6.54
C TYR A 277 4.09 2.93 -6.95
N LYS A 278 4.54 1.69 -6.76
CA LYS A 278 5.86 1.32 -7.24
C LYS A 278 5.89 1.37 -8.76
N ASP A 279 4.80 0.97 -9.41
CA ASP A 279 4.75 0.94 -10.86
C ASP A 279 4.77 2.34 -11.46
N ALA A 280 4.13 3.30 -10.81
CA ALA A 280 4.09 4.66 -11.34
C ALA A 280 5.47 5.28 -11.34
N LEU A 281 6.19 5.20 -10.21
CA LEU A 281 7.53 5.76 -10.15
C LEU A 281 8.46 5.12 -11.18
N LEU A 282 8.39 3.80 -11.33
CA LEU A 282 9.30 3.14 -12.27
C LEU A 282 9.01 3.55 -13.71
N THR A 283 7.73 3.51 -14.10
CA THR A 283 7.35 3.87 -15.47
C THR A 283 7.62 5.34 -15.77
N SER A 284 7.30 6.23 -14.82
CA SER A 284 7.62 7.65 -15.02
C SER A 284 9.11 7.85 -15.27
N PHE A 285 9.95 7.25 -14.40
CA PHE A 285 11.39 7.42 -14.52
C PHE A 285 11.88 6.99 -15.90
N ILE A 286 11.42 5.84 -16.37
CA ILE A 286 11.90 5.29 -17.65
C ILE A 286 11.53 6.20 -18.81
N ASN A 287 10.37 6.86 -18.75
CA ASN A 287 9.97 7.78 -19.81
C ASN A 287 10.94 8.95 -19.91
N SER A 288 11.24 9.59 -18.77
CA SER A 288 12.17 10.71 -18.78
C SER A 288 13.60 10.25 -19.07
N ALA A 289 14.00 9.13 -18.48
CA ALA A 289 15.35 8.61 -18.75
C ALA A 289 15.55 8.35 -20.24
N THR A 290 14.50 7.88 -20.94
CA THR A 290 14.63 7.62 -22.36
C THR A 290 14.84 8.90 -23.16
N SER A 291 14.06 9.95 -22.86
CA SER A 291 14.29 11.24 -23.50
C SER A 291 15.71 11.74 -23.28
N PHE A 292 16.18 11.70 -22.02
CA PHE A 292 17.54 12.14 -21.72
C PHE A 292 18.56 11.34 -22.54
N ILE A 293 18.34 10.03 -22.70
CA ILE A 293 19.27 9.22 -23.50
C ILE A 293 19.15 9.58 -24.97
N ALA A 294 17.92 9.64 -25.49
CA ALA A 294 17.71 9.98 -26.88
C ALA A 294 18.38 11.31 -27.25
N GLY A 295 18.44 12.24 -26.28
CA GLY A 295 19.13 13.50 -26.52
C GLY A 295 20.55 13.30 -27.00
N PHE A 296 21.28 12.35 -26.38
CA PHE A 296 22.64 12.08 -26.82
C PHE A 296 22.64 11.52 -28.24
N VAL A 297 21.74 10.58 -28.53
CA VAL A 297 21.61 10.02 -29.88
C VAL A 297 21.48 11.14 -30.90
N ILE A 298 20.64 12.13 -30.61
CA ILE A 298 20.36 13.18 -31.58
C ILE A 298 21.54 14.15 -31.67
N PHE A 299 22.00 14.67 -30.52
CA PHE A 299 22.94 15.78 -30.58
C PHE A 299 24.37 15.33 -30.85
N SER A 300 24.74 14.08 -30.55
CA SER A 300 26.02 13.57 -31.04
C SER A 300 26.06 13.66 -32.56
N VAL A 301 24.97 13.27 -33.21
CA VAL A 301 24.88 13.36 -34.67
C VAL A 301 24.77 14.81 -35.12
N LEU A 302 24.01 15.62 -34.37
CA LEU A 302 23.85 17.02 -34.74
C LEU A 302 25.18 17.77 -34.70
N GLY A 303 26.07 17.44 -33.77
CA GLY A 303 27.39 18.04 -33.76
C GLY A 303 28.25 17.57 -34.91
N TYR A 304 28.17 16.27 -35.25
CA TYR A 304 28.91 15.74 -36.38
C TYR A 304 28.58 16.50 -37.66
N MET A 305 27.31 16.90 -37.81
CA MET A 305 26.89 17.70 -38.96
C MET A 305 27.52 19.08 -38.93
N ALA A 306 27.38 19.80 -37.81
CA ALA A 306 27.97 21.12 -37.69
C ALA A 306 29.50 21.11 -37.77
N HIS A 307 30.14 19.99 -37.43
CA HIS A 307 31.59 19.90 -37.47
C HIS A 307 32.11 19.49 -38.85
N THR A 308 31.58 18.39 -39.40
CA THR A 308 32.15 17.83 -40.63
C THR A 308 31.36 18.19 -41.89
N LEU A 309 30.11 18.66 -41.75
CA LEU A 309 29.26 18.95 -42.90
C LEU A 309 29.07 20.44 -43.16
N GLY A 310 29.56 21.31 -42.29
CA GLY A 310 29.49 22.74 -42.52
C GLY A 310 28.08 23.32 -42.47
N VAL A 311 27.40 23.12 -41.34
CA VAL A 311 26.07 23.67 -41.11
C VAL A 311 26.08 24.33 -39.73
N ARG A 312 25.22 25.33 -39.57
CA ARG A 312 25.09 26.03 -38.29
C ARG A 312 24.13 25.26 -37.39
N ILE A 313 24.56 25.00 -36.15
CA ILE A 313 23.79 24.12 -35.26
C ILE A 313 22.35 24.60 -35.10
N GLU A 314 22.14 25.92 -35.12
CA GLU A 314 20.78 26.45 -35.00
C GLU A 314 19.88 26.01 -36.15
N ASP A 315 20.46 25.70 -37.30
CA ASP A 315 19.73 25.31 -38.50
C ASP A 315 19.36 23.83 -38.53
N VAL A 316 20.03 22.99 -37.73
CA VAL A 316 19.68 21.58 -37.64
C VAL A 316 19.13 21.18 -36.28
N ALA A 317 19.44 21.89 -35.20
CA ALA A 317 18.79 21.67 -33.91
C ALA A 317 17.35 22.14 -34.03
N THR A 318 16.51 21.30 -34.61
CA THR A 318 15.09 21.58 -34.79
C THR A 318 14.26 20.56 -33.99
N GLU A 319 12.94 20.67 -34.10
CA GLU A 319 12.01 19.83 -33.36
C GLU A 319 10.90 19.36 -34.28
N GLY A 320 10.06 18.46 -33.76
CA GLY A 320 8.94 17.95 -34.51
C GLY A 320 9.35 16.98 -35.59
N PRO A 321 8.44 16.66 -36.52
CA PRO A 321 8.76 15.69 -37.58
C PRO A 321 9.91 16.09 -38.47
N GLY A 322 10.24 17.38 -38.59
CA GLY A 322 11.37 17.77 -39.42
C GLY A 322 12.69 17.18 -38.96
N LEU A 323 12.84 16.96 -37.65
CA LEU A 323 14.10 16.43 -37.14
C LEU A 323 14.29 14.98 -37.56
N VAL A 324 13.22 14.17 -37.52
CA VAL A 324 13.36 12.75 -37.80
C VAL A 324 13.19 12.39 -39.28
N PHE A 325 12.49 13.22 -40.07
CA PHE A 325 12.28 12.91 -41.48
C PHE A 325 13.13 13.73 -42.44
N VAL A 326 13.91 14.70 -41.94
CA VAL A 326 14.75 15.54 -42.81
C VAL A 326 16.17 15.63 -42.25
N VAL A 327 16.30 16.11 -41.01
CA VAL A 327 17.62 16.44 -40.47
C VAL A 327 18.45 15.19 -40.20
N TYR A 328 17.98 14.31 -39.30
CA TYR A 328 18.75 13.11 -38.95
C TYR A 328 19.03 12.21 -40.14
N PRO A 329 18.07 11.93 -41.04
CA PRO A 329 18.42 11.10 -42.21
C PRO A 329 19.50 11.69 -43.09
N ALA A 330 19.57 13.02 -43.20
CA ALA A 330 20.61 13.64 -44.01
C ALA A 330 21.99 13.25 -43.51
N ALA A 331 22.18 13.24 -42.19
CA ALA A 331 23.47 12.87 -41.62
C ALA A 331 23.79 11.41 -41.88
N ILE A 332 22.80 10.53 -41.78
CA ILE A 332 23.00 9.10 -42.02
C ILE A 332 23.58 8.88 -43.41
N ALA A 333 23.00 9.54 -44.42
CA ALA A 333 23.45 9.35 -45.80
C ALA A 333 24.91 9.68 -46.00
N THR A 334 25.51 10.47 -45.11
CA THR A 334 26.94 10.71 -45.16
C THR A 334 27.73 9.54 -44.57
N MET A 335 27.22 8.92 -43.51
CA MET A 335 27.96 7.87 -42.82
C MET A 335 28.11 6.62 -43.68
N PRO A 336 29.23 5.89 -43.54
CA PRO A 336 29.31 4.56 -44.14
C PRO A 336 28.33 3.60 -43.48
N ALA A 337 27.95 2.56 -44.22
CA ALA A 337 26.85 1.68 -43.85
C ALA A 337 25.57 2.49 -43.62
N SER A 338 25.39 3.54 -44.42
CA SER A 338 24.24 4.43 -44.27
C SER A 338 22.93 3.65 -44.34
N THR A 339 22.80 2.76 -45.32
CA THR A 339 21.58 1.97 -45.48
C THR A 339 21.16 1.28 -44.18
N PHE A 340 22.13 0.89 -43.34
CA PHE A 340 21.78 0.18 -42.12
C PHE A 340 21.16 1.10 -41.08
N TRP A 341 21.75 2.29 -40.86
CA TRP A 341 21.21 3.19 -39.85
C TRP A 341 19.81 3.67 -40.21
N ALA A 342 19.51 3.79 -41.51
CA ALA A 342 18.18 4.25 -41.90
C ALA A 342 17.12 3.24 -41.50
N LEU A 343 17.28 1.98 -41.90
CA LEU A 343 16.26 0.97 -41.66
C LEU A 343 15.96 0.83 -40.17
N ILE A 344 17.00 0.78 -39.33
CA ILE A 344 16.74 0.69 -37.89
C ILE A 344 16.17 2.00 -37.36
N PHE A 345 16.59 3.14 -37.92
CA PHE A 345 16.05 4.43 -37.47
C PHE A 345 14.56 4.52 -37.72
N PHE A 346 14.12 4.17 -38.92
CA PHE A 346 12.71 4.31 -39.24
C PHE A 346 11.87 3.22 -38.59
N MET A 347 12.45 2.03 -38.36
CA MET A 347 11.72 1.05 -37.57
C MET A 347 11.55 1.52 -36.12
N MET A 348 12.60 2.12 -35.54
CA MET A 348 12.48 2.73 -34.22
C MET A 348 11.34 3.73 -34.18
N LEU A 349 11.26 4.61 -35.17
CA LEU A 349 10.19 5.60 -35.17
C LEU A 349 8.83 4.93 -35.23
N ALA A 350 8.71 3.90 -36.07
CA ALA A 350 7.45 3.18 -36.17
C ALA A 350 7.09 2.50 -34.84
N THR A 351 8.05 1.77 -34.25
CA THR A 351 7.76 1.10 -32.99
C THR A 351 7.54 2.10 -31.86
N LEU A 352 8.13 3.30 -31.98
CA LEU A 352 7.93 4.34 -30.98
C LEU A 352 6.50 4.84 -30.98
N GLY A 353 5.80 4.78 -32.12
CA GLY A 353 4.44 5.27 -32.17
C GLY A 353 3.39 4.21 -31.97
N LEU A 354 3.70 2.98 -32.43
CA LEU A 354 2.74 1.90 -32.43
C LEU A 354 2.20 1.61 -31.02
N ASP A 355 3.09 1.34 -30.07
CA ASP A 355 2.67 1.08 -28.69
C ASP A 355 1.96 2.28 -28.05
N SER A 356 2.17 3.50 -28.56
CA SER A 356 1.36 4.62 -28.08
C SER A 356 -0.02 4.61 -28.70
N SER A 357 -0.10 4.28 -29.99
CA SER A 357 -1.40 4.16 -30.64
C SER A 357 -2.23 3.07 -29.99
N PHE A 358 -1.59 1.96 -29.59
CA PHE A 358 -2.26 0.88 -28.88
C PHE A 358 -3.03 1.39 -27.68
N GLY A 359 -2.36 2.12 -26.78
CA GLY A 359 -3.01 2.59 -25.57
C GLY A 359 -4.15 3.54 -25.85
N GLY A 360 -3.98 4.43 -26.82
CA GLY A 360 -5.07 5.33 -27.19
C GLY A 360 -6.29 4.56 -27.65
N MET A 361 -6.08 3.59 -28.53
CA MET A 361 -7.20 2.78 -29.01
C MET A 361 -7.81 1.97 -27.87
N GLU A 362 -6.96 1.36 -27.04
CA GLU A 362 -7.46 0.52 -25.96
C GLU A 362 -8.26 1.34 -24.96
N ALA A 363 -7.86 2.60 -24.76
CA ALA A 363 -8.64 3.49 -23.90
C ALA A 363 -10.07 3.63 -24.41
N ILE A 364 -10.24 3.70 -25.73
CA ILE A 364 -11.58 3.82 -26.31
C ILE A 364 -12.35 2.52 -26.14
N ILE A 365 -11.76 1.41 -26.59
CA ILE A 365 -12.43 0.10 -26.54
C ILE A 365 -12.84 -0.23 -25.11
N THR A 366 -11.87 -0.27 -24.21
CA THR A 366 -12.13 -0.63 -22.81
C THR A 366 -13.24 0.24 -22.23
N ALA A 367 -13.18 1.55 -22.48
CA ALA A 367 -14.20 2.45 -21.95
C ALA A 367 -15.58 2.08 -22.47
N LEU A 368 -15.67 1.72 -23.75
CA LEU A 368 -16.96 1.39 -24.35
C LEU A 368 -17.42 -0.02 -23.99
N SER A 369 -16.50 -0.99 -23.94
CA SER A 369 -16.89 -2.34 -23.51
C SER A 369 -17.46 -2.36 -22.10
N ASP A 370 -16.95 -1.49 -21.22
CA ASP A 370 -17.44 -1.45 -19.84
C ASP A 370 -18.73 -0.65 -19.69
N GLU A 371 -19.26 -0.11 -20.78
CA GLU A 371 -20.50 0.64 -20.75
C GLU A 371 -21.56 0.08 -21.68
N PHE A 372 -21.17 -0.64 -22.74
CA PHE A 372 -22.11 -1.22 -23.68
C PHE A 372 -21.66 -2.65 -23.92
N PRO A 373 -22.24 -3.62 -23.21
CA PRO A 373 -21.77 -5.02 -23.35
C PRO A 373 -22.03 -5.62 -24.73
N LYS A 374 -22.96 -5.02 -25.49
CA LYS A 374 -23.17 -5.42 -26.88
C LYS A 374 -21.87 -5.44 -27.67
N ILE A 375 -21.01 -4.45 -27.45
CA ILE A 375 -19.71 -4.41 -28.11
C ILE A 375 -18.64 -5.14 -27.30
N LYS A 376 -18.86 -5.34 -26.00
CA LYS A 376 -17.93 -6.16 -25.21
C LYS A 376 -17.97 -7.62 -25.68
N ARG A 377 -19.17 -8.13 -25.98
CA ARG A 377 -19.28 -9.49 -26.50
C ARG A 377 -18.84 -9.57 -27.96
N ASN A 378 -18.69 -8.44 -28.65
CA ASN A 378 -18.29 -8.39 -30.06
C ASN A 378 -17.10 -7.43 -30.21
N ARG A 379 -15.95 -7.82 -29.67
CA ARG A 379 -14.77 -6.98 -29.75
C ARG A 379 -14.19 -6.97 -31.17
N GLU A 380 -13.89 -8.15 -31.72
CA GLU A 380 -13.26 -8.23 -33.03
C GLU A 380 -14.08 -7.50 -34.09
N LEU A 381 -15.39 -7.40 -33.89
CA LEU A 381 -16.22 -6.64 -34.82
C LEU A 381 -16.08 -5.14 -34.60
N PHE A 382 -16.11 -4.69 -33.33
CA PHE A 382 -16.03 -3.26 -33.04
C PHE A 382 -14.73 -2.65 -33.56
N VAL A 383 -13.60 -3.31 -33.31
CA VAL A 383 -12.31 -2.76 -33.71
C VAL A 383 -12.23 -2.62 -35.23
N ALA A 384 -12.72 -3.63 -35.96
CA ALA A 384 -12.74 -3.52 -37.42
C ALA A 384 -13.64 -2.36 -37.86
N GLY A 385 -14.78 -2.19 -37.20
CA GLY A 385 -15.62 -1.04 -37.48
C GLY A 385 -14.91 0.27 -37.13
N LEU A 386 -14.23 0.29 -35.98
CA LEU A 386 -13.47 1.48 -35.60
C LEU A 386 -12.35 1.77 -36.60
N PHE A 387 -11.46 0.79 -36.80
CA PHE A 387 -10.25 1.05 -37.58
C PHE A 387 -10.57 1.36 -39.04
N SER A 388 -11.64 0.79 -39.58
CA SER A 388 -12.03 1.11 -40.95
C SER A 388 -12.48 2.57 -41.07
N LEU A 389 -13.26 3.05 -40.11
CA LEU A 389 -13.54 4.48 -40.01
C LEU A 389 -12.24 5.28 -39.99
N TYR A 390 -11.29 4.85 -39.15
CA TYR A 390 -10.00 5.52 -39.08
C TYR A 390 -9.30 5.52 -40.43
N PHE A 391 -9.36 4.40 -41.16
CA PHE A 391 -8.65 4.29 -42.43
C PHE A 391 -9.32 5.13 -43.50
N VAL A 392 -10.64 4.98 -43.67
CA VAL A 392 -11.35 5.71 -44.72
C VAL A 392 -11.12 7.21 -44.57
N VAL A 393 -11.47 7.77 -43.40
CA VAL A 393 -11.19 9.18 -43.12
C VAL A 393 -9.69 9.45 -43.21
N GLY A 394 -8.88 8.47 -42.80
CA GLY A 394 -7.43 8.60 -42.92
C GLY A 394 -6.95 8.80 -44.34
N LEU A 395 -7.76 8.47 -45.35
CA LEU A 395 -7.35 8.72 -46.73
C LEU A 395 -7.13 10.21 -46.97
N ALA A 396 -7.88 11.07 -46.27
CA ALA A 396 -7.65 12.50 -46.36
C ALA A 396 -6.21 12.85 -45.98
N SER A 397 -5.66 12.17 -44.97
CA SER A 397 -4.27 12.44 -44.60
C SER A 397 -3.28 11.90 -45.63
N CYS A 398 -3.70 11.00 -46.52
CA CYS A 398 -2.85 10.55 -47.60
C CYS A 398 -3.06 11.34 -48.88
N THR A 399 -3.77 12.47 -48.83
CA THR A 399 -3.83 13.33 -49.99
C THR A 399 -2.56 14.18 -50.08
N GLN A 400 -2.42 14.90 -51.20
CA GLN A 400 -1.27 15.77 -51.39
C GLN A 400 -1.26 16.94 -50.42
N GLY A 401 -2.40 17.27 -49.83
CA GLY A 401 -2.46 18.29 -48.79
C GLY A 401 -2.69 17.70 -47.42
N GLY A 402 -2.40 16.41 -47.26
CA GLY A 402 -2.66 15.74 -46.00
C GLY A 402 -1.99 16.39 -44.80
N PHE A 403 -0.84 17.04 -45.01
CA PHE A 403 -0.16 17.68 -43.89
C PHE A 403 -1.01 18.82 -43.32
N TYR A 404 -1.60 19.63 -44.20
CA TYR A 404 -2.49 20.69 -43.73
C TYR A 404 -3.63 20.10 -42.90
N PHE A 405 -4.11 18.91 -43.28
CA PHE A 405 -5.10 18.19 -42.49
C PHE A 405 -4.50 17.68 -41.19
N PHE A 406 -3.30 17.11 -41.25
CA PHE A 406 -2.59 16.66 -40.05
C PHE A 406 -2.33 17.81 -39.09
N HIS A 407 -1.73 18.90 -39.57
CA HIS A 407 -1.40 20.03 -38.70
C HIS A 407 -2.63 20.61 -38.04
N LEU A 408 -3.80 20.53 -38.70
CA LEU A 408 -5.02 21.09 -38.13
C LEU A 408 -5.44 20.31 -36.89
N LEU A 409 -5.46 18.98 -36.98
CA LEU A 409 -5.82 18.15 -35.84
C LEU A 409 -4.76 18.22 -34.74
N ASP A 410 -3.47 18.21 -35.12
CA ASP A 410 -2.39 18.29 -34.13
C ASP A 410 -2.55 19.51 -33.24
N ARG A 411 -3.20 20.56 -33.74
CA ARG A 411 -3.41 21.77 -32.97
C ARG A 411 -4.67 21.71 -32.10
N TYR A 412 -5.74 21.05 -32.59
CA TYR A 412 -7.05 21.15 -31.96
C TYR A 412 -7.58 19.85 -31.38
N ALA A 413 -7.21 18.69 -31.93
CA ALA A 413 -7.83 17.43 -31.51
C ALA A 413 -7.66 17.17 -30.02
N ALA A 414 -6.49 17.47 -29.48
CA ALA A 414 -6.33 17.20 -28.04
C ALA A 414 -5.54 18.29 -27.33
N GLY A 415 -5.55 19.53 -27.78
CA GLY A 415 -4.66 20.46 -27.08
C GLY A 415 -5.31 21.04 -25.84
N TYR A 416 -6.16 22.03 -25.99
CA TYR A 416 -6.80 22.62 -24.80
C TYR A 416 -7.82 21.63 -24.28
N SER A 417 -8.37 20.86 -25.19
CA SER A 417 -9.48 20.01 -24.81
C SER A 417 -9.11 19.05 -23.68
N ILE A 418 -7.89 18.50 -23.70
CA ILE A 418 -7.53 17.56 -22.63
C ILE A 418 -7.14 18.30 -21.35
N LEU A 419 -6.56 19.50 -21.47
CA LEU A 419 -6.15 20.25 -20.28
C LEU A 419 -7.34 20.51 -19.37
N VAL A 420 -8.46 20.97 -19.95
CA VAL A 420 -9.64 21.24 -19.13
C VAL A 420 -10.23 19.94 -18.61
N ALA A 421 -10.16 18.87 -19.42
CA ALA A 421 -10.68 17.58 -18.98
C ALA A 421 -9.96 17.09 -17.72
N VAL A 422 -8.63 17.07 -17.75
CA VAL A 422 -7.88 16.65 -16.57
C VAL A 422 -8.07 17.63 -15.41
N PHE A 423 -8.34 18.91 -15.70
CA PHE A 423 -8.59 19.85 -14.62
C PHE A 423 -9.76 19.42 -13.76
N PHE A 424 -10.82 18.90 -14.39
CA PHE A 424 -11.97 18.41 -13.62
C PHE A 424 -11.68 17.05 -12.98
N GLU A 425 -10.93 16.18 -13.67
CA GLU A 425 -10.46 14.94 -13.05
C GLU A 425 -9.79 15.21 -11.71
N ALA A 426 -8.83 16.15 -11.69
CA ALA A 426 -8.17 16.50 -10.45
C ALA A 426 -9.14 17.11 -9.44
N ILE A 427 -10.06 17.94 -9.90
CA ILE A 427 -11.04 18.53 -8.98
C ILE A 427 -11.99 17.46 -8.46
N ALA A 428 -12.49 16.60 -9.36
CA ALA A 428 -13.44 15.57 -8.96
C ALA A 428 -12.82 14.62 -7.94
N VAL A 429 -11.56 14.22 -8.16
CA VAL A 429 -10.91 13.27 -7.26
C VAL A 429 -10.61 13.92 -5.92
N SER A 430 -9.94 15.08 -5.93
CA SER A 430 -9.44 15.65 -4.69
C SER A 430 -10.49 16.45 -3.93
N TRP A 431 -11.53 16.96 -4.60
CA TRP A 431 -12.49 17.85 -3.98
C TRP A 431 -13.90 17.29 -3.92
N ILE A 432 -14.43 16.77 -5.02
CA ILE A 432 -15.78 16.21 -4.98
C ILE A 432 -15.77 14.84 -4.32
N TYR A 433 -14.93 13.94 -4.82
CA TYR A 433 -14.82 12.60 -4.25
C TYR A 433 -14.09 12.65 -2.91
N GLY A 434 -12.90 13.25 -2.88
CA GLY A 434 -12.17 13.43 -1.64
C GLY A 434 -10.84 12.70 -1.57
N THR A 435 -9.79 13.41 -1.13
CA THR A 435 -8.51 12.75 -0.91
C THR A 435 -8.60 11.72 0.20
N ASN A 436 -9.51 11.92 1.16
CA ASN A 436 -9.74 10.93 2.21
C ASN A 436 -10.15 9.59 1.62
N ARG A 437 -11.26 9.56 0.88
CA ARG A 437 -11.70 8.34 0.23
C ARG A 437 -10.62 7.78 -0.69
N PHE A 438 -9.98 8.66 -1.47
CA PHE A 438 -8.96 8.22 -2.42
C PHE A 438 -7.80 7.55 -1.70
N SER A 439 -7.27 8.21 -0.66
CA SER A 439 -6.21 7.58 0.13
C SER A 439 -6.68 6.29 0.78
N GLU A 440 -7.88 6.30 1.35
CA GLU A 440 -8.44 5.09 1.95
C GLU A 440 -8.53 3.98 0.92
N ASP A 441 -8.94 4.32 -0.31
CA ASP A 441 -8.98 3.35 -1.40
C ASP A 441 -7.60 2.78 -1.70
N ILE A 442 -6.57 3.63 -1.66
CA ILE A 442 -5.23 3.19 -2.02
C ILE A 442 -4.64 2.30 -0.94
N ARG A 443 -4.87 2.65 0.34
CA ARG A 443 -4.41 1.80 1.44
C ARG A 443 -4.95 0.38 1.30
N ASP A 444 -6.23 0.25 0.98
CA ASP A 444 -6.81 -1.09 0.86
C ASP A 444 -6.12 -1.86 -0.25
N MET A 445 -5.61 -1.16 -1.26
CA MET A 445 -4.95 -1.82 -2.38
C MET A 445 -3.51 -2.20 -2.02
N ILE A 446 -2.68 -1.20 -1.70
CA ILE A 446 -1.24 -1.43 -1.57
C ILE A 446 -0.78 -1.54 -0.12
N GLY A 447 -1.68 -1.34 0.85
CA GLY A 447 -1.35 -1.58 2.24
C GLY A 447 -0.95 -0.34 3.02
N PHE A 448 -0.71 0.77 2.34
CA PHE A 448 -0.31 2.02 3.00
C PHE A 448 -0.92 3.19 2.25
N PRO A 449 -1.22 4.29 2.94
CA PRO A 449 -1.82 5.45 2.29
C PRO A 449 -0.78 6.31 1.60
N PRO A 450 -1.21 7.15 0.65
CA PRO A 450 -0.27 8.12 0.04
C PRO A 450 0.28 9.07 1.09
N GLY A 451 1.53 9.46 0.90
CA GLY A 451 2.12 10.48 1.76
C GLY A 451 1.38 11.80 1.63
N ARG A 452 1.60 12.67 2.62
CA ARG A 452 0.99 14.00 2.56
C ARG A 452 1.48 14.78 1.36
N TYR A 453 2.69 14.47 0.87
CA TYR A 453 3.22 15.11 -0.34
C TYR A 453 2.27 14.91 -1.51
N TRP A 454 1.95 13.65 -1.83
CA TRP A 454 1.07 13.38 -2.95
C TRP A 454 -0.30 14.01 -2.75
N GLN A 455 -0.81 13.99 -1.53
CA GLN A 455 -2.14 14.54 -1.26
C GLN A 455 -2.19 16.04 -1.49
N VAL A 456 -1.12 16.75 -1.11
CA VAL A 456 -1.06 18.19 -1.37
C VAL A 456 -0.95 18.46 -2.87
N CYS A 457 -0.16 17.64 -3.58
CA CYS A 457 -0.04 17.84 -5.04
C CYS A 457 -1.36 17.62 -5.76
N TRP A 458 -2.17 16.65 -5.34
CA TRP A 458 -3.43 16.39 -6.02
C TRP A 458 -4.49 17.44 -5.71
N ARG A 459 -4.35 18.12 -4.57
CA ARG A 459 -5.42 19.01 -4.11
C ARG A 459 -5.18 20.46 -4.52
N PHE A 460 -3.93 20.90 -4.61
CA PHE A 460 -3.61 22.28 -4.94
C PHE A 460 -2.68 22.42 -6.13
N VAL A 461 -1.59 21.66 -6.17
CA VAL A 461 -0.54 21.88 -7.17
C VAL A 461 -1.06 21.54 -8.57
N ALA A 462 -1.49 20.30 -8.76
CA ALA A 462 -1.97 19.86 -10.07
C ALA A 462 -3.00 20.78 -10.72
N PRO A 463 -4.01 21.30 -10.01
CA PRO A 463 -4.92 22.26 -10.66
C PRO A 463 -4.22 23.51 -11.17
N ILE A 464 -3.41 24.17 -10.33
CA ILE A 464 -2.72 25.36 -10.82
C ILE A 464 -1.66 24.97 -11.85
N PHE A 465 -1.07 23.77 -11.71
CA PHE A 465 -0.16 23.25 -12.73
C PHE A 465 -0.84 23.20 -14.09
N LEU A 466 -2.02 22.60 -14.14
CA LEU A 466 -2.80 22.61 -15.37
C LEU A 466 -3.26 24.02 -15.73
N LEU A 467 -3.67 24.80 -14.73
CA LEU A 467 -4.07 26.18 -14.97
C LEU A 467 -2.90 26.99 -15.54
N PHE A 468 -1.72 26.86 -14.91
CA PHE A 468 -0.51 27.50 -15.41
C PHE A 468 -0.32 27.26 -16.90
N ILE A 469 -0.49 26.02 -17.34
CA ILE A 469 -0.33 25.69 -18.76
C ILE A 469 -1.44 26.32 -19.59
N THR A 470 -2.70 26.14 -19.16
CA THR A 470 -3.84 26.63 -19.95
C THR A 470 -3.83 28.15 -20.09
N VAL A 471 -3.40 28.87 -19.05
CA VAL A 471 -3.34 30.33 -19.14
C VAL A 471 -2.30 30.76 -20.17
N TYR A 472 -1.04 30.36 -19.95
CA TYR A 472 0.02 30.74 -20.89
C TYR A 472 -0.21 30.15 -22.27
N GLY A 473 -0.87 28.99 -22.35
CA GLY A 473 -1.27 28.48 -23.65
C GLY A 473 -2.19 29.43 -24.40
N LEU A 474 -3.05 30.15 -23.66
CA LEU A 474 -3.94 31.12 -24.28
C LEU A 474 -3.25 32.45 -24.56
N ILE A 475 -2.26 32.83 -23.74
CA ILE A 475 -1.55 34.10 -23.94
C ILE A 475 -0.83 34.10 -25.29
N GLY A 476 -0.04 33.07 -25.54
CA GLY A 476 0.75 33.00 -26.75
C GLY A 476 -0.02 32.51 -27.96
N TYR A 477 -1.35 32.57 -27.91
CA TYR A 477 -2.16 32.12 -29.03
C TYR A 477 -1.93 33.00 -30.26
N GLU A 478 -1.89 32.36 -31.42
CA GLU A 478 -1.86 33.03 -32.72
C GLU A 478 -2.52 32.08 -33.71
N PRO A 479 -3.38 32.57 -34.62
CA PRO A 479 -4.08 31.66 -35.55
C PRO A 479 -3.17 30.68 -36.30
N LEU A 480 -3.77 29.61 -36.82
CA LEU A 480 -2.98 28.49 -37.31
C LEU A 480 -2.32 28.81 -38.64
N THR A 481 -1.00 28.64 -38.69
CA THR A 481 -0.21 28.84 -39.89
C THR A 481 0.75 27.67 -40.07
N TYR A 482 1.12 27.41 -41.33
CA TYR A 482 2.23 26.50 -41.62
C TYR A 482 3.04 27.09 -42.76
N ALA A 483 4.32 27.34 -42.50
CA ALA A 483 5.22 28.02 -43.44
C ALA A 483 4.55 29.33 -43.83
N ASP A 484 4.43 29.64 -45.12
CA ASP A 484 3.84 30.92 -45.52
C ASP A 484 2.33 30.82 -45.63
N TYR A 485 1.75 29.65 -45.34
CA TYR A 485 0.31 29.41 -45.44
C TYR A 485 -0.40 29.86 -44.18
N VAL A 486 -1.54 30.54 -44.36
CA VAL A 486 -2.39 30.96 -43.25
C VAL A 486 -3.75 30.28 -43.44
N TYR A 487 -4.15 29.47 -42.47
CA TYR A 487 -5.39 28.72 -42.57
C TYR A 487 -6.57 29.69 -42.65
N PRO A 488 -7.57 29.40 -43.46
CA PRO A 488 -8.74 30.28 -43.56
C PRO A 488 -9.46 30.39 -42.22
N SER A 489 -10.38 31.36 -42.16
CA SER A 489 -11.14 31.57 -40.93
C SER A 489 -11.99 30.35 -40.59
N TRP A 490 -12.59 29.71 -41.61
CA TRP A 490 -13.52 28.61 -41.34
C TRP A 490 -12.79 27.39 -40.80
N ALA A 491 -11.60 27.11 -41.34
CA ALA A 491 -10.83 25.97 -40.84
C ALA A 491 -10.45 26.16 -39.37
N ASN A 492 -10.10 27.39 -39.00
CA ASN A 492 -9.80 27.71 -37.60
C ASN A 492 -10.99 27.36 -36.69
N ALA A 493 -12.17 27.88 -37.02
CA ALA A 493 -13.35 27.58 -36.20
C ALA A 493 -13.70 26.10 -36.23
N LEU A 494 -13.35 25.39 -37.31
CA LEU A 494 -13.56 23.95 -37.36
C LEU A 494 -12.80 23.24 -36.24
N GLY A 495 -11.56 23.66 -35.98
CA GLY A 495 -10.81 23.08 -34.89
C GLY A 495 -11.40 23.41 -33.53
N TRP A 496 -12.18 24.48 -33.44
CA TRP A 496 -12.81 24.81 -32.17
C TRP A 496 -14.05 23.96 -31.92
N CYS A 497 -14.80 23.62 -32.97
CA CYS A 497 -15.78 22.55 -32.84
C CYS A 497 -15.13 21.30 -32.26
N ILE A 498 -14.01 20.86 -32.84
CA ILE A 498 -13.36 19.63 -32.41
C ILE A 498 -12.90 19.73 -30.96
N ALA A 499 -12.33 20.88 -30.58
CA ALA A 499 -11.90 21.09 -29.20
C ALA A 499 -13.08 21.05 -28.24
N GLY A 500 -14.09 21.88 -28.49
CA GLY A 500 -15.28 21.91 -27.63
C GLY A 500 -16.17 20.70 -27.77
N SER A 501 -16.07 19.97 -28.88
CA SER A 501 -16.85 18.75 -29.06
C SER A 501 -16.70 17.81 -27.86
N SER A 502 -15.49 17.71 -27.33
CA SER A 502 -15.23 16.83 -26.19
C SER A 502 -15.56 17.50 -24.86
N VAL A 503 -15.03 18.71 -24.64
CA VAL A 503 -15.19 19.38 -23.35
C VAL A 503 -16.67 19.62 -23.04
N VAL A 504 -17.51 19.80 -24.06
CA VAL A 504 -18.91 20.14 -23.81
C VAL A 504 -19.65 19.00 -23.10
N MET A 505 -19.19 17.75 -23.27
CA MET A 505 -19.84 16.64 -22.59
C MET A 505 -19.78 16.77 -21.08
N ILE A 506 -18.81 17.51 -20.55
CA ILE A 506 -18.66 17.64 -19.11
C ILE A 506 -19.85 18.43 -18.55
N PRO A 507 -20.10 19.68 -18.94
CA PRO A 507 -21.30 20.35 -18.44
C PRO A 507 -22.59 19.82 -19.06
N ALA A 508 -22.54 19.22 -20.24
CA ALA A 508 -23.75 18.67 -20.85
C ALA A 508 -24.32 17.52 -20.03
N VAL A 509 -23.51 16.47 -19.83
CA VAL A 509 -23.97 15.31 -19.07
C VAL A 509 -24.30 15.69 -17.63
N ALA A 510 -23.64 16.72 -17.10
CA ALA A 510 -24.09 17.28 -15.83
C ALA A 510 -25.53 17.76 -15.91
N ILE A 511 -25.85 18.57 -16.93
CA ILE A 511 -27.22 19.05 -17.11
C ILE A 511 -28.18 17.88 -17.32
N PHE A 512 -27.85 16.99 -18.27
CA PHE A 512 -28.75 15.89 -18.58
C PHE A 512 -29.01 14.99 -17.38
N LYS A 513 -28.02 14.82 -16.50
CA LYS A 513 -28.24 13.99 -15.33
C LYS A 513 -28.91 14.75 -14.19
N LEU A 514 -28.67 16.07 -14.10
CA LEU A 514 -29.40 16.88 -13.14
C LEU A 514 -30.89 16.90 -13.45
N LEU A 515 -31.25 16.82 -14.73
CA LEU A 515 -32.66 16.85 -15.14
C LEU A 515 -33.27 15.45 -15.21
N SER A 516 -32.49 14.41 -14.91
CA SER A 516 -33.00 13.04 -14.91
C SER A 516 -33.08 12.42 -13.51
N THR A 517 -32.49 13.05 -12.49
CA THR A 517 -32.63 12.53 -11.14
C THR A 517 -33.68 13.33 -10.39
N PRO A 518 -34.67 12.69 -9.76
CA PRO A 518 -35.72 13.44 -9.08
C PRO A 518 -35.31 13.90 -7.69
N GLY A 519 -35.86 15.06 -7.28
CA GLY A 519 -35.60 15.60 -5.94
C GLY A 519 -35.36 17.10 -5.95
N SER A 520 -35.03 17.65 -4.78
CA SER A 520 -34.68 19.07 -4.57
C SER A 520 -33.25 19.31 -5.07
N LEU A 521 -32.85 20.56 -5.29
CA LEU A 521 -31.49 20.76 -5.85
C LEU A 521 -30.43 20.22 -4.90
N ARG A 522 -30.42 20.61 -3.63
CA ARG A 522 -29.39 19.93 -2.85
C ARG A 522 -29.66 18.43 -2.76
N GLN A 523 -30.93 18.02 -2.80
CA GLN A 523 -31.28 16.61 -2.87
C GLN A 523 -30.78 15.95 -4.15
N ARG A 524 -30.59 16.72 -5.23
CA ARG A 524 -30.10 16.18 -6.49
C ARG A 524 -28.58 16.19 -6.59
N PHE A 525 -27.94 17.25 -6.07
CA PHE A 525 -26.49 17.25 -6.01
C PHE A 525 -25.99 16.09 -5.15
N THR A 526 -26.60 15.88 -3.98
CA THR A 526 -26.16 14.80 -3.11
C THR A 526 -26.36 13.43 -3.76
N ILE A 527 -27.41 13.26 -4.58
CA ILE A 527 -27.59 11.98 -5.26
C ILE A 527 -26.58 11.81 -6.39
N LEU A 528 -26.01 12.92 -6.89
CA LEU A 528 -25.05 12.89 -7.99
C LEU A 528 -23.64 13.21 -7.54
N THR A 529 -23.40 13.32 -6.23
CA THR A 529 -22.07 13.48 -5.69
C THR A 529 -21.67 12.32 -4.77
N THR A 530 -22.48 11.24 -4.72
CA THR A 530 -22.16 10.05 -3.95
C THR A 530 -21.76 8.91 -4.88
N PRO A 531 -20.65 8.24 -4.60
CA PRO A 531 -20.12 7.22 -5.52
C PRO A 531 -20.98 5.96 -5.56
N TRP A 532 -20.66 5.09 -6.52
CA TRP A 532 -21.42 3.85 -6.66
C TRP A 532 -21.09 2.85 -5.56
N ARG A 533 -19.84 2.83 -5.08
CA ARG A 533 -19.47 1.94 -3.99
C ARG A 533 -20.23 2.24 -2.71
N ASP A 534 -20.80 3.43 -2.57
CA ASP A 534 -21.55 3.80 -1.38
C ASP A 534 -23.07 3.68 -1.59
N GLU B 1 -6.54 -19.98 6.06
CA GLU B 1 -5.78 -19.02 6.85
C GLU B 1 -4.32 -19.45 7.04
N ASN B 2 -3.44 -18.48 7.23
CA ASN B 2 -2.00 -18.71 7.24
C ASN B 2 -1.54 -18.96 8.68
N VAL B 3 -1.32 -20.22 9.03
CA VAL B 3 -0.91 -20.57 10.39
C VAL B 3 0.56 -20.20 10.59
N LEU B 4 0.86 -19.53 11.70
CA LEU B 4 2.23 -19.16 12.08
C LEU B 4 2.59 -19.88 13.37
N THR B 5 3.55 -20.80 13.28
CA THR B 5 4.01 -21.58 14.41
C THR B 5 5.38 -21.08 14.87
N GLN B 6 5.55 -20.90 16.18
CA GLN B 6 6.78 -20.40 16.77
C GLN B 6 7.43 -21.48 17.63
N SER B 7 8.74 -21.62 17.49
CA SER B 7 9.53 -22.50 18.32
C SER B 7 10.80 -21.74 18.73
N PRO B 8 11.30 -21.99 19.94
CA PRO B 8 10.65 -22.83 20.96
C PRO B 8 9.42 -22.18 21.59
N ALA B 9 8.62 -22.93 22.35
CA ALA B 9 7.50 -22.33 23.06
C ALA B 9 7.97 -21.63 24.33
N ILE B 10 8.82 -22.31 25.12
CA ILE B 10 9.42 -21.73 26.32
C ILE B 10 10.93 -21.84 26.20
N MET B 11 11.62 -20.86 26.75
CA MET B 11 13.06 -20.73 26.56
C MET B 11 13.63 -20.03 27.78
N SER B 12 14.69 -20.60 28.36
CA SER B 12 15.36 -20.03 29.52
C SER B 12 16.77 -19.63 29.12
N THR B 13 17.17 -18.44 29.54
CA THR B 13 18.47 -17.91 29.11
C THR B 13 19.13 -17.17 30.25
N SER B 14 20.44 -17.31 30.35
CA SER B 14 21.19 -16.53 31.32
C SER B 14 21.50 -15.15 30.74
N PRO B 15 21.34 -14.08 31.52
CA PRO B 15 21.65 -12.74 31.01
C PRO B 15 23.02 -12.67 30.38
N GLY B 16 23.09 -12.03 29.21
CA GLY B 16 24.30 -11.93 28.42
C GLY B 16 24.38 -12.91 27.27
N GLU B 17 23.71 -14.06 27.38
CA GLU B 17 23.72 -15.07 26.32
C GLU B 17 23.00 -14.56 25.07
N LYS B 18 22.91 -15.43 24.07
CA LYS B 18 22.28 -15.09 22.79
C LYS B 18 21.08 -16.01 22.59
N VAL B 19 19.89 -15.42 22.46
CA VAL B 19 18.67 -16.18 22.15
C VAL B 19 18.32 -15.99 20.68
N THR B 20 17.72 -17.04 20.10
CA THR B 20 17.13 -17.00 18.78
C THR B 20 15.80 -17.74 18.86
N MET B 21 14.78 -17.17 18.21
CA MET B 21 13.45 -17.73 18.18
C MET B 21 13.00 -17.76 16.72
N THR B 22 12.21 -18.75 16.35
CA THR B 22 11.77 -18.89 14.97
C THR B 22 10.26 -18.75 14.84
N CYS B 23 9.84 -18.36 13.64
CA CYS B 23 8.43 -18.23 13.24
C CYS B 23 8.28 -18.83 11.86
N ARG B 24 7.50 -19.91 11.73
CA ARG B 24 7.34 -20.60 10.47
C ARG B 24 5.90 -20.53 10.00
N ALA B 25 5.69 -20.02 8.78
CA ALA B 25 4.36 -19.84 8.22
C ALA B 25 3.98 -21.00 7.32
N SER B 26 2.67 -21.30 7.29
CA SER B 26 2.15 -22.34 6.41
C SER B 26 2.06 -21.87 4.96
N SER B 27 2.12 -20.56 4.73
CA SER B 27 2.16 -20.00 3.39
C SER B 27 3.15 -18.85 3.38
N SER B 28 3.84 -18.71 2.26
CA SER B 28 4.85 -17.65 2.12
C SER B 28 4.27 -16.29 2.47
N VAL B 29 5.09 -15.46 3.12
CA VAL B 29 4.70 -14.12 3.55
C VAL B 29 5.73 -13.13 3.02
N GLY B 30 5.25 -12.02 2.45
CA GLY B 30 6.15 -10.97 2.02
C GLY B 30 6.99 -10.44 3.17
N SER B 31 8.32 -10.38 2.99
CA SER B 31 9.21 -9.92 4.05
C SER B 31 8.78 -8.58 4.62
N SER B 32 8.00 -7.81 3.88
CA SER B 32 7.61 -6.49 4.35
C SER B 32 6.29 -6.52 5.13
N TYR B 33 5.66 -7.69 5.29
CA TYR B 33 4.40 -7.81 6.02
C TYR B 33 4.52 -8.64 7.30
N LEU B 34 5.74 -8.91 7.77
CA LEU B 34 5.95 -9.77 8.93
C LEU B 34 6.46 -8.95 10.09
N HIS B 35 5.74 -8.97 11.20
CA HIS B 35 6.10 -8.14 12.34
C HIS B 35 6.22 -8.97 13.61
N TRP B 36 6.78 -8.37 14.65
CA TRP B 36 6.99 -9.03 15.94
C TRP B 36 6.46 -8.12 17.05
N TYR B 37 5.86 -8.74 18.07
CA TYR B 37 5.37 -8.02 19.23
C TYR B 37 5.96 -8.63 20.48
N GLN B 38 6.26 -7.79 21.47
CA GLN B 38 6.66 -8.24 22.80
C GLN B 38 5.53 -7.94 23.78
N GLN B 39 5.16 -8.93 24.59
CA GLN B 39 4.12 -8.77 25.60
C GLN B 39 4.65 -9.19 26.96
N LYS B 40 4.69 -8.26 27.91
CA LYS B 40 5.09 -8.54 29.28
C LYS B 40 3.90 -9.06 30.07
N SER B 41 4.21 -9.78 31.16
CA SER B 41 3.19 -10.43 31.96
C SER B 41 2.20 -9.42 32.53
N GLY B 42 0.91 -9.62 32.24
CA GLY B 42 -0.11 -8.74 32.74
C GLY B 42 -0.18 -7.37 32.09
N ALA B 43 0.54 -7.13 30.99
CA ALA B 43 0.49 -5.87 30.27
C ALA B 43 0.08 -6.12 28.83
N SER B 44 -0.15 -5.04 28.09
CA SER B 44 -0.58 -5.15 26.70
C SER B 44 0.62 -5.42 25.78
N PRO B 45 0.38 -5.94 24.58
CA PRO B 45 1.46 -6.10 23.61
C PRO B 45 2.01 -4.76 23.13
N LYS B 46 3.25 -4.80 22.65
CA LYS B 46 3.90 -3.63 22.07
C LYS B 46 4.57 -4.01 20.76
N LEU B 47 4.39 -3.18 19.73
CA LEU B 47 5.07 -3.45 18.48
C LEU B 47 6.58 -3.43 18.71
N TRP B 48 7.26 -4.48 18.26
CA TRP B 48 8.68 -4.64 18.53
C TRP B 48 9.54 -4.54 17.28
N ILE B 49 9.22 -5.32 16.25
CA ILE B 49 9.94 -5.31 14.98
C ILE B 49 8.89 -5.35 13.88
N TYR B 50 8.98 -4.42 12.92
CA TYR B 50 8.08 -4.39 11.78
C TYR B 50 8.88 -4.61 10.50
N SER B 51 8.23 -5.21 9.51
CA SER B 51 8.82 -5.45 8.19
C SER B 51 10.12 -6.25 8.31
N THR B 52 10.03 -7.33 9.12
CA THR B 52 11.09 -8.34 9.33
C THR B 52 12.24 -7.87 10.20
N SER B 53 12.85 -6.71 9.89
CA SER B 53 14.11 -6.32 10.50
C SER B 53 14.15 -4.93 11.10
N ASN B 54 13.10 -4.11 10.96
CA ASN B 54 13.12 -2.73 11.42
C ASN B 54 12.66 -2.65 12.87
N LEU B 55 13.50 -2.10 13.75
CA LEU B 55 13.16 -1.99 15.16
C LEU B 55 12.18 -0.85 15.39
N ALA B 56 11.17 -1.11 16.22
CA ALA B 56 10.20 -0.08 16.60
C ALA B 56 10.86 0.98 17.46
N SER B 57 10.08 2.01 17.81
CA SER B 57 10.63 3.11 18.60
C SER B 57 10.75 2.69 20.06
N GLY B 58 11.92 2.96 20.66
CA GLY B 58 12.18 2.55 22.02
C GLY B 58 12.72 1.15 22.18
N VAL B 59 13.13 0.51 21.10
CA VAL B 59 13.61 -0.87 21.11
C VAL B 59 15.13 -0.84 21.01
N PRO B 60 15.85 -1.43 21.96
CA PRO B 60 17.32 -1.42 21.92
C PRO B 60 17.88 -2.18 20.73
N ALA B 61 19.16 -1.90 20.43
CA ALA B 61 19.77 -2.47 19.23
C ALA B 61 20.20 -3.92 19.40
N ARG B 62 20.16 -4.46 20.63
CA ARG B 62 20.43 -5.89 20.81
C ARG B 62 19.41 -6.78 20.12
N PHE B 63 18.29 -6.23 19.66
CA PHE B 63 17.31 -7.00 18.94
C PHE B 63 17.54 -6.86 17.44
N SER B 64 17.44 -7.97 16.72
CA SER B 64 17.52 -7.99 15.26
C SER B 64 16.44 -8.92 14.72
N GLY B 65 16.05 -8.68 13.48
CA GLY B 65 15.11 -9.54 12.79
C GLY B 65 15.66 -9.99 11.46
N SER B 66 15.22 -11.18 11.02
CA SER B 66 15.72 -11.77 9.79
C SER B 66 14.76 -12.86 9.32
N GLY B 67 14.86 -13.18 8.04
CA GLY B 67 14.07 -14.24 7.43
C GLY B 67 13.41 -13.79 6.15
N SER B 68 12.72 -14.74 5.53
CA SER B 68 11.97 -14.51 4.29
C SER B 68 11.11 -15.73 4.04
N GLY B 69 10.19 -15.59 3.07
CA GLY B 69 9.32 -16.69 2.70
C GLY B 69 8.46 -17.23 3.82
N THR B 70 8.81 -18.41 4.33
CA THR B 70 8.08 -19.07 5.41
C THR B 70 8.91 -19.23 6.67
N SER B 71 10.13 -18.68 6.72
CA SER B 71 11.00 -18.86 7.88
C SER B 71 11.54 -17.51 8.31
N TYR B 72 11.21 -17.10 9.53
CA TYR B 72 11.69 -15.87 10.11
C TYR B 72 12.26 -16.16 11.49
N SER B 73 13.13 -15.26 11.97
CA SER B 73 13.70 -15.40 13.29
C SER B 73 13.86 -14.04 13.95
N LEU B 74 13.64 -14.01 15.26
CA LEU B 74 14.00 -12.87 16.09
C LEU B 74 15.21 -13.30 16.91
N THR B 75 16.19 -12.40 17.02
CA THR B 75 17.45 -12.69 17.71
C THR B 75 17.74 -11.57 18.69
N ILE B 76 18.20 -11.94 19.88
CA ILE B 76 18.69 -10.98 20.87
C ILE B 76 20.17 -11.25 21.06
N SER B 77 21.01 -10.24 20.78
CA SER B 77 22.45 -10.42 20.85
C SER B 77 22.88 -10.85 22.26
N SER B 78 22.69 -9.97 23.24
CA SER B 78 23.03 -10.27 24.64
C SER B 78 21.82 -9.94 25.49
N VAL B 79 21.23 -10.96 26.13
CA VAL B 79 19.92 -10.77 26.75
C VAL B 79 20.06 -10.01 28.06
N GLU B 80 19.04 -9.25 28.40
CA GLU B 80 18.89 -8.61 29.70
C GLU B 80 17.58 -9.05 30.33
N ALA B 81 17.54 -9.02 31.66
CA ALA B 81 16.36 -9.55 32.36
C ALA B 81 15.10 -8.77 31.98
N GLU B 82 15.23 -7.49 31.63
CA GLU B 82 14.09 -6.71 31.16
C GLU B 82 13.58 -7.18 29.79
N ASP B 83 14.18 -8.22 29.21
CA ASP B 83 13.70 -8.83 27.98
C ASP B 83 12.82 -10.06 28.22
N ALA B 84 12.72 -10.52 29.46
CA ALA B 84 11.86 -11.65 29.74
C ALA B 84 10.42 -11.28 29.42
N ALA B 85 9.83 -11.95 28.43
CA ALA B 85 8.46 -11.70 27.98
C ALA B 85 8.08 -12.81 27.01
N THR B 86 6.84 -12.74 26.51
CA THR B 86 6.41 -13.58 25.39
C THR B 86 6.47 -12.77 24.11
N TYR B 87 7.08 -13.34 23.06
CA TYR B 87 7.24 -12.68 21.77
C TYR B 87 6.33 -13.34 20.73
N TYR B 88 5.54 -12.51 20.04
CA TYR B 88 4.57 -12.95 19.04
C TYR B 88 4.98 -12.43 17.67
N CYS B 89 4.96 -13.31 16.66
CA CYS B 89 5.09 -12.80 15.29
C CYS B 89 3.70 -12.57 14.71
N GLN B 90 3.65 -11.87 13.57
CA GLN B 90 2.38 -11.57 12.92
C GLN B 90 2.62 -11.39 11.43
N GLN B 91 1.63 -11.81 10.62
CA GLN B 91 1.59 -11.47 9.21
C GLN B 91 0.44 -10.52 8.90
N PHE B 92 0.69 -9.61 7.95
CA PHE B 92 -0.26 -8.57 7.58
C PHE B 92 -0.46 -8.54 6.06
N SER B 93 -0.07 -9.61 5.37
CA SER B 93 -0.17 -9.69 3.92
C SER B 93 -1.42 -10.43 3.45
N GLY B 94 -2.22 -10.97 4.38
CA GLY B 94 -3.39 -11.74 4.00
C GLY B 94 -4.51 -11.68 5.01
N TYR B 95 -5.75 -11.50 4.53
CA TYR B 95 -6.78 -11.65 5.56
C TYR B 95 -7.26 -13.10 5.55
N PRO B 96 -7.52 -13.71 6.71
CA PRO B 96 -7.46 -13.13 8.05
C PRO B 96 -6.04 -12.92 8.57
N LEU B 97 -5.81 -11.80 9.27
CA LEU B 97 -4.52 -11.58 9.88
C LEU B 97 -4.27 -12.63 10.95
N THR B 98 -3.01 -13.08 11.08
CA THR B 98 -2.71 -14.16 12.01
C THR B 98 -1.48 -13.84 12.85
N PHE B 99 -1.51 -14.30 14.11
CA PHE B 99 -0.43 -14.15 15.05
C PHE B 99 0.24 -15.51 15.27
N GLY B 100 1.55 -15.51 15.47
CA GLY B 100 2.24 -16.73 15.84
C GLY B 100 1.81 -17.23 17.21
N SER B 101 2.22 -18.46 17.51
CA SER B 101 1.83 -19.14 18.74
C SER B 101 2.60 -18.67 19.98
N GLY B 102 3.56 -17.77 19.82
CA GLY B 102 4.28 -17.23 20.97
C GLY B 102 5.55 -17.99 21.29
N THR B 103 6.53 -17.24 21.81
CA THR B 103 7.73 -17.80 22.43
C THR B 103 7.92 -17.08 23.76
N LYS B 104 7.84 -17.82 24.87
CA LYS B 104 8.03 -17.26 26.19
C LYS B 104 9.52 -17.33 26.54
N LEU B 105 10.15 -16.17 26.70
CA LEU B 105 11.54 -16.06 27.12
C LEU B 105 11.59 -15.87 28.64
N GLU B 106 12.27 -16.79 29.33
CA GLU B 106 12.38 -16.71 30.78
C GLU B 106 13.84 -16.65 31.19
N MET B 107 14.07 -16.18 32.41
CA MET B 107 15.43 -15.88 32.84
C MET B 107 15.97 -17.10 33.58
N LYS B 108 17.18 -17.50 33.23
CA LYS B 108 17.81 -18.62 33.94
C LYS B 108 18.58 -18.10 35.15
N ARG B 109 18.56 -18.91 36.22
CA ARG B 109 19.29 -18.58 37.43
C ARG B 109 19.76 -19.89 38.07
N ALA B 110 20.49 -19.74 39.18
CA ALA B 110 20.94 -20.90 39.94
C ALA B 110 19.76 -21.55 40.66
N ASP B 111 19.81 -22.88 40.78
CA ASP B 111 18.77 -23.63 41.47
C ASP B 111 18.61 -23.16 42.92
N ALA B 112 17.38 -23.23 43.42
CA ALA B 112 17.04 -22.78 44.76
C ALA B 112 15.96 -23.69 45.32
N ALA B 113 16.09 -24.04 46.61
CA ALA B 113 15.08 -24.90 47.22
C ALA B 113 13.87 -24.07 47.66
N PRO B 114 12.69 -24.68 47.70
CA PRO B 114 11.51 -23.97 48.19
C PRO B 114 11.42 -23.96 49.71
N THR B 115 10.86 -22.88 50.24
CA THR B 115 10.49 -22.80 51.64
C THR B 115 9.01 -23.18 51.75
N VAL B 116 8.74 -24.32 52.41
CA VAL B 116 7.39 -24.91 52.43
C VAL B 116 6.70 -24.52 53.73
N SER B 117 5.48 -23.98 53.60
CA SER B 117 4.63 -23.62 54.73
C SER B 117 3.31 -24.38 54.60
N ILE B 118 2.70 -24.74 55.73
CA ILE B 118 1.44 -25.49 55.74
C ILE B 118 0.47 -24.81 56.69
N PHE B 119 -0.81 -24.77 56.31
CA PHE B 119 -1.86 -24.02 57.00
C PHE B 119 -3.13 -24.86 57.14
N PRO B 120 -3.65 -25.04 58.36
CA PRO B 120 -4.88 -25.82 58.56
C PRO B 120 -6.11 -24.95 58.33
N PRO B 121 -7.32 -25.54 58.32
CA PRO B 121 -8.52 -24.73 58.11
C PRO B 121 -8.70 -23.69 59.22
N SER B 122 -9.35 -22.57 58.85
CA SER B 122 -9.77 -21.59 59.84
C SER B 122 -11.14 -21.96 60.39
N SER B 123 -11.38 -21.58 61.65
CA SER B 123 -12.67 -21.91 62.27
C SER B 123 -13.81 -21.18 61.58
N GLU B 124 -13.50 -20.14 60.79
CA GLU B 124 -14.53 -19.46 60.01
C GLU B 124 -15.02 -20.35 58.87
N GLN B 125 -14.10 -21.06 58.21
CA GLN B 125 -14.49 -22.01 57.18
C GLN B 125 -15.12 -23.26 57.78
N LEU B 126 -14.64 -23.70 58.93
CA LEU B 126 -15.23 -24.88 59.57
C LEU B 126 -16.69 -24.65 59.94
N THR B 127 -17.07 -23.42 60.29
CA THR B 127 -18.47 -23.11 60.54
C THR B 127 -19.31 -23.33 59.29
N SER B 128 -18.76 -23.01 58.12
CA SER B 128 -19.48 -23.17 56.85
C SER B 128 -19.68 -24.63 56.47
N GLY B 129 -19.01 -25.57 57.13
CA GLY B 129 -19.09 -26.95 56.73
C GLY B 129 -18.00 -27.40 55.78
N GLY B 130 -17.04 -26.52 55.47
CA GLY B 130 -15.92 -26.89 54.63
C GLY B 130 -14.61 -26.85 55.39
N ALA B 131 -13.59 -27.54 54.85
CA ALA B 131 -12.26 -27.53 55.43
C ALA B 131 -11.25 -27.69 54.30
N SER B 132 -10.38 -26.70 54.11
CA SER B 132 -9.33 -26.77 53.10
C SER B 132 -7.97 -26.50 53.72
N VAL B 133 -7.04 -27.43 53.49
CA VAL B 133 -5.66 -27.32 53.96
C VAL B 133 -4.82 -26.75 52.83
N VAL B 134 -3.97 -25.76 53.14
CA VAL B 134 -3.20 -25.04 52.14
C VAL B 134 -1.71 -25.29 52.36
N CYS B 135 -0.95 -25.31 51.28
CA CYS B 135 0.49 -25.46 51.31
C CYS B 135 1.11 -24.44 50.36
N PHE B 136 2.04 -23.64 50.86
CA PHE B 136 2.76 -22.68 50.04
C PHE B 136 4.19 -23.18 49.80
N LEU B 137 4.63 -23.13 48.53
CA LEU B 137 5.99 -23.52 48.16
C LEU B 137 6.61 -22.33 47.44
N ASN B 138 7.42 -21.56 48.17
CA ASN B 138 7.84 -20.23 47.72
C ASN B 138 9.31 -20.18 47.36
N ASN B 139 9.61 -19.37 46.32
CA ASN B 139 10.95 -18.92 45.95
C ASN B 139 11.90 -20.10 45.70
N PHE B 140 11.61 -20.82 44.60
CA PHE B 140 12.40 -21.97 44.18
C PHE B 140 12.65 -21.89 42.68
N TYR B 141 13.64 -22.67 42.22
CA TYR B 141 14.03 -22.73 40.82
C TYR B 141 14.66 -24.10 40.57
N PRO B 142 14.35 -24.76 39.43
CA PRO B 142 13.48 -24.30 38.34
C PRO B 142 12.00 -24.43 38.63
N LYS B 143 11.19 -24.18 37.60
CA LYS B 143 9.74 -24.02 37.79
C LYS B 143 9.06 -25.33 38.18
N ASP B 144 9.50 -26.45 37.62
CA ASP B 144 8.78 -27.70 37.86
C ASP B 144 8.95 -28.16 39.30
N ILE B 145 7.82 -28.36 39.98
CA ILE B 145 7.79 -28.90 41.33
C ILE B 145 6.63 -29.88 41.40
N ASN B 146 6.66 -30.76 42.39
CA ASN B 146 5.63 -31.78 42.53
C ASN B 146 5.19 -31.85 44.00
N VAL B 147 3.88 -31.89 44.22
CA VAL B 147 3.34 -31.91 45.57
C VAL B 147 2.61 -33.24 45.77
N LYS B 148 2.62 -33.71 47.02
CA LYS B 148 1.94 -34.94 47.42
C LYS B 148 1.27 -34.72 48.77
N TRP B 149 -0.03 -35.02 48.85
CA TRP B 149 -0.81 -34.86 50.07
C TRP B 149 -0.98 -36.19 50.79
N LYS B 150 -0.92 -36.15 52.11
CA LYS B 150 -1.16 -37.33 52.95
C LYS B 150 -2.09 -36.94 54.10
N ILE B 151 -3.23 -37.60 54.18
CA ILE B 151 -4.08 -37.55 55.38
C ILE B 151 -3.72 -38.76 56.24
N ASP B 152 -3.38 -38.49 57.51
CA ASP B 152 -2.75 -39.48 58.41
C ASP B 152 -1.53 -40.02 57.66
N GLY B 153 -1.44 -41.32 57.40
CA GLY B 153 -0.31 -41.83 56.64
C GLY B 153 -0.61 -42.05 55.17
N SER B 154 -1.89 -42.08 54.82
CA SER B 154 -2.31 -42.43 53.46
C SER B 154 -2.27 -41.22 52.54
N GLU B 155 -1.93 -41.47 51.28
CA GLU B 155 -1.81 -40.42 50.27
C GLU B 155 -3.16 -40.13 49.63
N ARG B 156 -3.54 -38.85 49.61
CA ARG B 156 -4.75 -38.40 48.96
C ARG B 156 -4.39 -37.70 47.65
N GLN B 157 -5.11 -38.05 46.57
CA GLN B 157 -4.74 -37.58 45.25
C GLN B 157 -5.74 -36.62 44.61
N ASN B 158 -6.98 -36.57 45.07
CA ASN B 158 -8.02 -35.77 44.44
C ASN B 158 -8.58 -34.73 45.41
N GLY B 159 -9.18 -33.68 44.83
CA GLY B 159 -9.64 -32.55 45.61
C GLY B 159 -8.62 -31.45 45.81
N VAL B 160 -7.69 -31.29 44.86
CA VAL B 160 -6.53 -30.42 45.02
C VAL B 160 -6.56 -29.33 43.95
N LEU B 161 -6.10 -28.13 44.32
CA LEU B 161 -5.98 -27.00 43.41
C LEU B 161 -4.56 -26.45 43.51
N ASN B 162 -3.88 -26.37 42.38
CA ASN B 162 -2.49 -25.89 42.32
C ASN B 162 -2.43 -24.60 41.49
N SER B 163 -1.74 -23.58 42.02
CA SER B 163 -1.53 -22.33 41.30
C SER B 163 -0.04 -22.01 41.26
N TRP B 164 0.38 -21.40 40.15
CA TRP B 164 1.79 -21.10 39.92
C TRP B 164 1.96 -19.61 39.72
N THR B 165 2.99 -19.03 40.32
CA THR B 165 3.23 -17.61 40.03
C THR B 165 4.05 -17.47 38.75
N ASP B 166 3.90 -16.32 38.10
CA ASP B 166 4.86 -15.92 37.09
C ASP B 166 6.25 -15.80 37.71
N GLN B 167 7.29 -15.94 36.87
CA GLN B 167 8.66 -15.79 37.36
C GLN B 167 8.83 -14.40 37.97
N ASP B 168 9.33 -14.37 39.20
CA ASP B 168 9.57 -13.09 39.87
C ASP B 168 10.62 -12.28 39.13
N SER B 169 10.27 -11.02 38.80
CA SER B 169 11.20 -10.12 38.14
C SER B 169 12.33 -9.66 39.04
N LYS B 170 12.33 -10.03 40.32
CA LYS B 170 13.42 -9.62 41.21
C LYS B 170 14.51 -10.69 41.30
N ASP B 171 14.15 -11.89 41.75
CA ASP B 171 15.11 -12.98 41.94
C ASP B 171 14.86 -14.14 40.98
N SER B 172 14.06 -13.92 39.94
CA SER B 172 13.91 -14.89 38.84
C SER B 172 13.41 -16.24 39.34
N THR B 173 12.71 -16.24 40.47
CA THR B 173 12.29 -17.47 41.14
C THR B 173 10.80 -17.74 40.89
N TYR B 174 10.34 -18.91 41.32
CA TYR B 174 8.92 -19.27 41.19
C TYR B 174 8.33 -19.54 42.56
N SER B 175 7.00 -19.64 42.61
CA SER B 175 6.27 -19.99 43.82
C SER B 175 4.98 -20.69 43.42
N MET B 176 4.48 -21.53 44.33
CA MET B 176 3.29 -22.33 44.05
C MET B 176 2.45 -22.51 45.31
N SER B 177 1.14 -22.39 45.16
CA SER B 177 0.20 -22.74 46.21
C SER B 177 -0.49 -24.05 45.85
N SER B 178 -0.76 -24.88 46.87
CA SER B 178 -1.55 -26.10 46.73
C SER B 178 -2.62 -26.10 47.82
N THR B 179 -3.87 -26.36 47.42
CA THR B 179 -5.01 -26.29 48.33
C THR B 179 -5.81 -27.57 48.21
N LEU B 180 -5.86 -28.35 49.29
CA LEU B 180 -6.68 -29.57 49.36
C LEU B 180 -7.91 -29.30 50.19
N THR B 181 -9.10 -29.40 49.60
CA THR B 181 -10.34 -29.19 50.32
C THR B 181 -11.05 -30.51 50.56
N LEU B 182 -11.60 -30.67 51.77
CA LEU B 182 -12.39 -31.83 52.16
C LEU B 182 -13.73 -31.33 52.72
N THR B 183 -14.56 -32.27 53.16
CA THR B 183 -15.70 -31.89 53.98
C THR B 183 -15.25 -31.74 55.43
N LYS B 184 -16.03 -30.98 56.21
CA LYS B 184 -15.69 -30.83 57.62
C LYS B 184 -15.71 -32.18 58.34
N ASP B 185 -16.67 -33.03 58.00
CA ASP B 185 -16.75 -34.36 58.62
C ASP B 185 -15.51 -35.18 58.30
N GLU B 186 -15.20 -35.31 57.00
CA GLU B 186 -14.00 -36.04 56.58
C GLU B 186 -12.74 -35.41 57.15
N TYR B 187 -12.74 -34.09 57.34
CA TYR B 187 -11.58 -33.44 57.93
C TYR B 187 -11.41 -33.82 59.40
N GLU B 188 -12.49 -33.71 60.17
CA GLU B 188 -12.48 -34.02 61.61
C GLU B 188 -12.36 -35.51 61.90
N ARG B 189 -12.46 -36.38 60.89
CA ARG B 189 -12.35 -37.82 61.09
C ARG B 189 -10.91 -38.32 61.04
N HIS B 190 -9.94 -37.44 60.80
CA HIS B 190 -8.52 -37.77 60.83
C HIS B 190 -7.79 -36.67 61.59
N ASN B 191 -6.50 -36.92 61.92
CA ASN B 191 -5.76 -35.94 62.71
C ASN B 191 -4.31 -35.74 62.29
N SER B 192 -3.91 -36.16 61.10
CA SER B 192 -2.56 -35.87 60.59
C SER B 192 -2.66 -35.48 59.12
N TYR B 193 -2.17 -34.29 58.80
CA TYR B 193 -2.19 -33.78 57.44
C TYR B 193 -0.78 -33.42 57.02
N THR B 194 -0.39 -33.83 55.82
CA THR B 194 1.00 -33.76 55.42
C THR B 194 1.09 -33.28 53.98
N CYS B 195 2.00 -32.34 53.73
CA CYS B 195 2.26 -31.82 52.40
C CYS B 195 3.75 -31.93 52.13
N GLU B 196 4.13 -32.89 51.28
CA GLU B 196 5.54 -33.10 50.95
C GLU B 196 5.81 -32.66 49.51
N ALA B 197 6.89 -31.89 49.32
CA ALA B 197 7.25 -31.32 48.03
C ALA B 197 8.48 -32.03 47.48
N THR B 198 8.37 -32.55 46.27
CA THR B 198 9.50 -33.15 45.56
C THR B 198 10.01 -32.16 44.52
N HIS B 199 11.27 -31.74 44.66
CA HIS B 199 11.86 -30.75 43.78
C HIS B 199 13.23 -31.25 43.33
N LYS B 200 13.73 -30.66 42.25
CA LYS B 200 15.01 -31.07 41.67
C LYS B 200 16.16 -30.91 42.66
N THR B 201 16.06 -29.94 43.56
CA THR B 201 17.10 -29.68 44.56
C THR B 201 17.40 -30.92 45.39
N SER B 202 16.48 -31.30 46.28
CA SER B 202 16.71 -32.40 47.20
C SER B 202 16.28 -33.73 46.59
N THR B 203 17.03 -34.79 46.91
CA THR B 203 16.65 -36.15 46.52
C THR B 203 15.41 -36.61 47.28
N SER B 204 15.47 -36.55 48.62
CA SER B 204 14.31 -36.78 49.47
C SER B 204 13.42 -35.54 49.52
N PRO B 205 12.11 -35.71 49.67
CA PRO B 205 11.20 -34.56 49.60
C PRO B 205 11.22 -33.72 50.86
N ILE B 206 10.76 -32.48 50.70
CA ILE B 206 10.60 -31.56 51.83
C ILE B 206 9.20 -31.74 52.41
N VAL B 207 9.11 -32.04 53.70
CA VAL B 207 7.85 -32.42 54.32
C VAL B 207 7.44 -31.37 55.34
N LYS B 208 6.13 -31.12 55.39
CA LYS B 208 5.53 -30.21 56.36
C LYS B 208 4.20 -30.81 56.80
N SER B 209 4.03 -31.01 58.11
CA SER B 209 2.85 -31.66 58.65
C SER B 209 2.37 -30.96 59.91
N PHE B 210 1.18 -31.35 60.35
CA PHE B 210 0.62 -30.90 61.62
C PHE B 210 -0.37 -31.96 62.10
N ASN B 211 -0.69 -31.90 63.39
CA ASN B 211 -1.72 -32.75 63.97
C ASN B 211 -2.92 -31.88 64.36
N ARG B 212 -4.11 -32.46 64.32
CA ARG B 212 -5.35 -31.68 64.43
C ARG B 212 -5.63 -31.19 65.84
N ASN B 213 -4.86 -31.63 66.84
CA ASN B 213 -5.10 -31.22 68.22
C ASN B 213 -4.19 -30.07 68.66
N GLU B 214 -2.87 -30.27 68.61
CA GLU B 214 -1.91 -29.28 69.09
C GLU B 214 -1.69 -28.15 68.08
N GLU C 1 0.94 11.11 24.72
CA GLU C 1 0.82 10.97 23.27
C GLU C 1 -0.44 10.17 22.87
N VAL C 2 -0.27 9.22 21.95
CA VAL C 2 -1.36 8.33 21.56
C VAL C 2 -1.81 7.50 22.75
N GLN C 3 -3.13 7.42 22.95
CA GLN C 3 -3.67 6.58 24.01
C GLN C 3 -4.96 5.92 23.54
N LEU C 4 -5.12 4.64 23.89
CA LEU C 4 -6.32 3.86 23.57
C LEU C 4 -6.86 3.26 24.86
N VAL C 5 -8.18 3.36 25.07
CA VAL C 5 -8.83 2.90 26.29
C VAL C 5 -10.06 2.08 25.89
N GLU C 6 -10.00 0.77 26.10
CA GLU C 6 -11.15 -0.09 25.82
C GLU C 6 -12.08 -0.10 27.02
N SER C 7 -13.38 -0.14 26.76
CA SER C 7 -14.38 -0.01 27.81
C SER C 7 -15.57 -0.92 27.51
N GLY C 8 -16.42 -1.09 28.51
CA GLY C 8 -17.55 -1.98 28.39
C GLY C 8 -17.11 -3.41 28.60
N GLY C 9 -18.05 -4.33 28.54
CA GLY C 9 -17.57 -5.72 28.64
C GLY C 9 -17.49 -6.17 30.07
N GLY C 10 -17.88 -7.40 30.30
CA GLY C 10 -17.94 -8.05 31.61
C GLY C 10 -18.49 -9.44 31.43
N LEU C 11 -19.60 -9.76 32.09
CA LEU C 11 -20.14 -11.13 31.93
C LEU C 11 -21.46 -11.09 31.19
N VAL C 12 -21.60 -11.95 30.19
CA VAL C 12 -22.78 -12.15 29.38
C VAL C 12 -23.12 -13.64 29.38
N LYS C 13 -24.40 -13.95 29.02
CA LYS C 13 -24.84 -15.33 28.88
C LYS C 13 -24.78 -15.75 27.43
N PRO C 14 -24.50 -17.03 27.19
CA PRO C 14 -24.46 -17.55 25.82
C PRO C 14 -25.70 -17.15 25.01
N GLY C 15 -25.47 -16.54 23.85
CA GLY C 15 -26.52 -15.95 23.07
C GLY C 15 -26.71 -14.47 23.27
N GLY C 16 -26.25 -13.92 24.39
CA GLY C 16 -26.43 -12.51 24.69
C GLY C 16 -25.70 -11.62 23.70
N SER C 17 -25.92 -10.32 23.87
CA SER C 17 -25.24 -9.29 23.09
C SER C 17 -24.42 -8.41 24.01
N LEU C 18 -23.40 -7.77 23.44
CA LEU C 18 -22.64 -6.78 24.20
C LEU C 18 -21.88 -5.90 23.21
N LYS C 19 -21.61 -4.66 23.63
CA LYS C 19 -21.00 -3.64 22.77
C LYS C 19 -19.80 -3.02 23.47
N LEU C 20 -18.60 -3.23 22.90
CA LEU C 20 -17.37 -2.68 23.44
C LEU C 20 -17.00 -1.37 22.75
N SER C 21 -16.23 -0.55 23.46
CA SER C 21 -15.86 0.77 22.96
C SER C 21 -14.40 1.06 23.26
N CYS C 22 -13.74 1.73 22.31
CA CYS C 22 -12.35 2.15 22.46
C CYS C 22 -12.28 3.65 22.26
N ALA C 23 -11.78 4.35 23.27
CA ALA C 23 -11.69 5.81 23.25
C ALA C 23 -10.30 6.21 22.79
N ALA C 24 -10.22 6.81 21.60
CA ALA C 24 -8.96 7.27 21.04
C ALA C 24 -8.70 8.73 21.43
N SER C 25 -7.42 9.07 21.54
CA SER C 25 -6.98 10.40 21.92
C SER C 25 -5.47 10.51 21.70
N GLY C 26 -5.04 11.66 21.18
CA GLY C 26 -3.63 11.90 20.94
C GLY C 26 -3.18 11.84 19.50
N PHE C 27 -4.09 11.67 18.54
CA PHE C 27 -3.78 11.57 17.12
C PHE C 27 -5.06 11.76 16.34
N THR C 28 -4.93 11.98 15.03
CA THR C 28 -6.10 12.13 14.17
C THR C 28 -6.72 10.75 13.92
N PHE C 29 -7.64 10.37 14.80
CA PHE C 29 -8.25 9.04 14.78
C PHE C 29 -8.80 8.67 13.41
N SER C 30 -9.43 9.64 12.73
CA SER C 30 -10.06 9.38 11.44
C SER C 30 -9.05 9.08 10.33
N SER C 31 -7.75 9.22 10.58
CA SER C 31 -6.72 8.96 9.57
C SER C 31 -6.12 7.56 9.64
N TYR C 32 -6.56 6.73 10.59
CA TYR C 32 -5.93 5.45 10.87
C TYR C 32 -6.96 4.33 10.89
N ALA C 33 -6.66 3.23 10.20
CA ALA C 33 -7.51 2.06 10.28
C ALA C 33 -7.27 1.33 11.60
N MET C 34 -8.36 0.95 12.27
CA MET C 34 -8.24 0.30 13.58
C MET C 34 -8.70 -1.15 13.49
N SER C 35 -8.23 -1.97 14.43
CA SER C 35 -8.62 -3.38 14.46
C SER C 35 -8.83 -3.87 15.89
N TRP C 36 -9.71 -4.86 16.02
CA TRP C 36 -9.96 -5.53 17.29
C TRP C 36 -9.18 -6.84 17.32
N VAL C 37 -8.25 -6.96 18.26
CA VAL C 37 -7.51 -8.19 18.51
C VAL C 37 -7.85 -8.66 19.91
N ARG C 38 -8.01 -9.98 20.08
CA ARG C 38 -8.35 -10.51 21.38
C ARG C 38 -7.34 -11.57 21.81
N GLN C 39 -7.37 -11.91 23.10
CA GLN C 39 -6.43 -12.87 23.69
C GLN C 39 -7.22 -13.79 24.64
N SER C 40 -7.38 -15.06 24.24
CA SER C 40 -8.05 -16.03 25.07
C SER C 40 -7.34 -16.19 26.41
N PRO C 41 -8.03 -16.72 27.43
CA PRO C 41 -7.34 -17.01 28.69
C PRO C 41 -6.19 -18.00 28.57
N GLU C 42 -6.11 -18.76 27.48
CA GLU C 42 -4.94 -19.56 27.14
C GLU C 42 -3.84 -18.75 26.44
N LYS C 43 -3.96 -17.40 26.47
CA LYS C 43 -2.93 -16.46 26.05
C LYS C 43 -2.62 -16.54 24.56
N ARG C 44 -3.61 -16.78 23.71
CA ARG C 44 -3.42 -16.82 22.26
C ARG C 44 -4.00 -15.56 21.61
N LEU C 45 -3.18 -14.87 20.82
CA LEU C 45 -3.62 -13.68 20.10
C LEU C 45 -4.40 -14.07 18.85
N GLU C 46 -5.58 -13.46 18.67
CA GLU C 46 -6.44 -13.73 17.52
C GLU C 46 -7.04 -12.43 17.00
N TRP C 47 -6.73 -12.10 15.76
CA TRP C 47 -7.31 -10.91 15.13
C TRP C 47 -8.78 -11.16 14.85
N VAL C 48 -9.62 -10.13 15.04
CA VAL C 48 -11.07 -10.27 14.96
C VAL C 48 -11.65 -9.50 13.78
N ALA C 49 -11.36 -8.20 13.69
CA ALA C 49 -11.97 -7.34 12.68
C ALA C 49 -11.12 -6.10 12.48
N GLU C 50 -11.08 -5.64 11.22
CA GLU C 50 -10.37 -4.40 10.85
C GLU C 50 -11.36 -3.46 10.18
N ILE C 51 -11.27 -2.18 10.51
CA ILE C 51 -12.11 -1.15 9.91
C ILE C 51 -11.21 -0.05 9.36
N SER C 52 -11.45 0.36 8.12
CA SER C 52 -10.60 1.32 7.44
C SER C 52 -10.78 2.72 8.02
N SER C 53 -9.97 3.66 7.50
CA SER C 53 -9.96 5.03 8.02
C SER C 53 -11.36 5.64 8.05
N GLY C 54 -12.06 5.57 6.92
CA GLY C 54 -13.42 6.06 6.79
C GLY C 54 -14.49 5.02 7.05
N GLY C 55 -14.11 3.80 7.40
CA GLY C 55 -15.10 2.78 7.69
C GLY C 55 -15.71 2.17 6.45
N ARG C 56 -15.12 2.41 5.28
CA ARG C 56 -15.61 1.89 4.01
C ARG C 56 -15.04 0.51 3.67
N TYR C 57 -13.99 0.07 4.35
CA TYR C 57 -13.38 -1.25 4.11
C TYR C 57 -13.35 -2.02 5.43
N ILE C 58 -14.10 -3.13 5.48
CA ILE C 58 -14.29 -3.92 6.69
C ILE C 58 -13.84 -5.35 6.42
N TYR C 59 -13.05 -5.92 7.33
CA TYR C 59 -12.64 -7.32 7.27
C TYR C 59 -12.96 -8.03 8.58
N TYR C 60 -13.63 -9.17 8.50
CA TYR C 60 -13.91 -9.99 9.67
C TYR C 60 -13.13 -11.29 9.57
N SER C 61 -12.74 -11.83 10.72
CA SER C 61 -12.27 -13.21 10.76
C SER C 61 -13.45 -14.17 10.61
N ASP C 62 -13.18 -15.33 10.01
CA ASP C 62 -14.25 -16.29 9.73
C ASP C 62 -14.89 -16.85 11.00
N THR C 63 -14.30 -16.57 12.18
CA THR C 63 -14.83 -17.08 13.43
C THR C 63 -15.91 -16.17 14.01
N VAL C 64 -15.99 -14.91 13.58
CA VAL C 64 -16.95 -13.97 14.13
C VAL C 64 -17.88 -13.36 13.08
N THR C 65 -17.69 -13.67 11.79
CA THR C 65 -18.49 -13.04 10.75
C THR C 65 -19.96 -13.38 10.91
N GLY C 66 -20.83 -12.39 10.64
CA GLY C 66 -22.24 -12.53 10.84
C GLY C 66 -22.72 -12.24 12.24
N ARG C 67 -21.83 -12.30 13.24
CA ARG C 67 -22.16 -12.01 14.63
C ARG C 67 -21.56 -10.70 15.12
N PHE C 68 -20.33 -10.39 14.73
CA PHE C 68 -19.66 -9.17 15.19
C PHE C 68 -19.78 -8.08 14.14
N THR C 69 -19.96 -6.85 14.60
CA THR C 69 -20.09 -5.69 13.74
C THR C 69 -19.16 -4.61 14.26
N ILE C 70 -18.17 -4.25 13.47
CA ILE C 70 -17.24 -3.19 13.85
C ILE C 70 -17.72 -1.88 13.23
N SER C 71 -17.61 -0.79 13.99
CA SER C 71 -18.07 0.50 13.51
C SER C 71 -17.15 1.59 14.05
N ARG C 72 -17.40 2.82 13.62
CA ARG C 72 -16.43 3.90 13.78
C ARG C 72 -17.19 5.21 13.91
N ASP C 73 -16.80 6.03 14.88
CA ASP C 73 -17.40 7.36 15.09
C ASP C 73 -16.24 8.35 15.01
N ASN C 74 -15.93 8.78 13.78
CA ASN C 74 -14.82 9.71 13.57
C ASN C 74 -15.09 11.09 14.14
N ALA C 75 -16.34 11.39 14.53
CA ALA C 75 -16.63 12.64 15.20
C ALA C 75 -16.13 12.63 16.64
N ARG C 76 -16.61 11.67 17.44
CA ARG C 76 -16.21 11.55 18.84
C ARG C 76 -14.93 10.75 19.03
N ASN C 77 -14.38 10.18 17.95
CA ASN C 77 -13.16 9.36 18.02
C ASN C 77 -13.36 8.13 18.91
N ILE C 78 -14.41 7.36 18.62
CA ILE C 78 -14.72 6.14 19.36
C ILE C 78 -14.75 4.97 18.39
N LEU C 79 -14.25 3.82 18.84
CA LEU C 79 -14.31 2.58 18.08
C LEU C 79 -15.26 1.61 18.78
N HIS C 80 -16.02 0.86 18.00
CA HIS C 80 -17.07 0.00 18.54
C HIS C 80 -16.95 -1.42 18.02
N LEU C 81 -17.42 -2.36 18.82
CA LEU C 81 -17.56 -3.75 18.39
C LEU C 81 -18.86 -4.27 18.99
N GLU C 82 -19.85 -4.52 18.13
CA GLU C 82 -21.14 -5.03 18.55
C GLU C 82 -21.13 -6.54 18.41
N MET C 83 -21.41 -7.23 19.52
CA MET C 83 -21.38 -8.69 19.55
C MET C 83 -22.79 -9.24 19.74
N SER C 84 -23.10 -10.32 19.03
CA SER C 84 -24.38 -10.99 19.13
C SER C 84 -24.13 -12.50 19.03
N SER C 85 -25.11 -13.28 19.49
CA SER C 85 -24.97 -14.74 19.52
C SER C 85 -23.64 -15.14 20.15
N LEU C 86 -23.38 -14.62 21.36
CA LEU C 86 -22.07 -14.80 21.98
C LEU C 86 -21.89 -16.24 22.46
N ARG C 87 -20.73 -16.81 22.17
CA ARG C 87 -20.35 -18.15 22.57
C ARG C 87 -19.24 -18.09 23.62
N SER C 88 -19.01 -19.21 24.31
CA SER C 88 -18.00 -19.21 25.37
C SER C 88 -16.60 -19.02 24.81
N GLU C 89 -16.34 -19.50 23.59
CA GLU C 89 -15.04 -19.30 22.95
C GLU C 89 -14.75 -17.84 22.65
N ASP C 90 -15.76 -16.97 22.69
CA ASP C 90 -15.55 -15.53 22.61
C ASP C 90 -15.02 -14.94 23.91
N THR C 91 -14.89 -15.75 24.97
CA THR C 91 -14.31 -15.27 26.22
C THR C 91 -12.84 -14.94 26.01
N ALA C 92 -12.48 -13.67 26.18
CA ALA C 92 -11.10 -13.22 26.00
C ALA C 92 -11.01 -11.80 26.50
N MET C 93 -9.77 -11.30 26.58
CA MET C 93 -9.57 -9.87 26.74
C MET C 93 -9.46 -9.26 25.34
N TYR C 94 -10.24 -8.21 25.11
CA TYR C 94 -10.34 -7.59 23.78
C TYR C 94 -9.46 -6.35 23.71
N TYR C 95 -8.59 -6.30 22.71
CA TYR C 95 -7.66 -5.21 22.53
C TYR C 95 -8.05 -4.38 21.31
N CYS C 96 -7.93 -3.08 21.46
CA CYS C 96 -8.12 -2.12 20.38
C CYS C 96 -6.73 -1.68 19.92
N ALA C 97 -6.42 -1.95 18.65
CA ALA C 97 -5.08 -1.69 18.13
C ALA C 97 -5.16 -0.79 16.92
N ARG C 98 -4.16 0.08 16.78
CA ARG C 98 -4.06 1.01 15.66
C ARG C 98 -3.07 0.44 14.64
N GLY C 99 -3.53 0.24 13.41
CA GLY C 99 -2.69 -0.29 12.34
C GLY C 99 -3.07 0.18 10.96
N GLU C 100 -2.66 1.40 10.59
CA GLU C 100 -3.02 1.93 9.28
C GLU C 100 -2.13 1.37 8.17
N VAL C 101 -0.83 1.20 8.43
CA VAL C 101 0.10 0.66 7.45
C VAL C 101 0.26 -0.84 7.70
N ARG C 102 -0.16 -1.66 6.74
CA ARG C 102 0.03 -3.11 6.85
C ARG C 102 1.50 -3.48 6.96
N GLN C 103 2.35 -2.80 6.19
CA GLN C 103 3.81 -3.01 6.29
C GLN C 103 4.40 -2.50 7.61
N ARG C 104 3.57 -2.18 8.59
CA ARG C 104 4.06 -1.68 9.86
C ARG C 104 3.40 -2.31 11.07
N GLY C 105 2.33 -3.09 10.90
CA GLY C 105 1.66 -3.72 12.02
C GLY C 105 0.95 -2.72 12.94
N PHE C 106 0.58 -3.24 14.11
CA PHE C 106 -0.16 -2.48 15.11
C PHE C 106 0.85 -1.76 16.00
N ASP C 107 1.03 -0.46 15.79
CA ASP C 107 2.01 0.31 16.54
C ASP C 107 1.49 0.80 17.90
N TYR C 108 0.19 0.71 18.16
CA TYR C 108 -0.35 1.15 19.43
C TYR C 108 -1.50 0.25 19.86
N TRP C 109 -1.50 -0.16 21.12
CA TRP C 109 -2.49 -1.04 21.71
C TRP C 109 -3.10 -0.39 22.95
N GLY C 110 -4.40 -0.62 23.15
CA GLY C 110 -5.03 -0.21 24.39
C GLY C 110 -4.57 -1.07 25.56
N GLN C 111 -5.33 -1.06 26.66
CA GLN C 111 -5.05 -1.90 27.80
C GLN C 111 -6.00 -3.09 27.89
N GLY C 112 -6.99 -3.14 27.02
CA GLY C 112 -7.91 -4.28 26.98
C GLY C 112 -9.12 -4.09 27.88
N THR C 113 -10.22 -4.72 27.48
CA THR C 113 -11.39 -4.90 28.33
C THR C 113 -11.79 -6.38 28.29
N THR C 114 -12.17 -6.91 29.45
CA THR C 114 -12.37 -8.35 29.59
C THR C 114 -13.81 -8.75 29.35
N LEU C 115 -13.98 -9.84 28.61
CA LEU C 115 -15.28 -10.39 28.28
C LEU C 115 -15.31 -11.84 28.71
N THR C 116 -16.25 -12.18 29.58
CA THR C 116 -16.49 -13.54 30.05
C THR C 116 -17.87 -13.97 29.61
N VAL C 117 -17.95 -15.08 28.89
CA VAL C 117 -19.23 -15.60 28.40
C VAL C 117 -19.45 -16.94 29.09
N SER C 118 -20.37 -16.96 30.04
CA SER C 118 -20.64 -18.16 30.83
C SER C 118 -22.09 -18.16 31.24
N SER C 119 -22.67 -19.35 31.34
CA SER C 119 -23.97 -19.49 31.99
C SER C 119 -23.86 -19.51 33.50
N ALA C 120 -22.64 -19.56 34.04
CA ALA C 120 -22.44 -19.48 35.48
C ALA C 120 -22.87 -18.12 36.01
N LYS C 121 -23.26 -18.10 37.29
CA LYS C 121 -23.79 -16.90 37.93
C LYS C 121 -22.80 -16.31 38.92
N THR C 122 -22.87 -14.98 39.08
CA THR C 122 -21.97 -14.26 39.97
C THR C 122 -22.13 -14.75 41.41
N THR C 123 -21.01 -15.01 42.07
CA THR C 123 -21.01 -15.36 43.50
C THR C 123 -19.85 -14.64 44.18
N ALA C 124 -20.11 -14.14 45.46
CA ALA C 124 -19.10 -13.46 46.26
C ALA C 124 -18.15 -14.48 46.91
N PRO C 125 -16.89 -14.11 47.10
CA PRO C 125 -15.92 -15.03 47.70
C PRO C 125 -16.12 -15.21 49.20
N SER C 126 -15.40 -16.19 49.74
CA SER C 126 -15.25 -16.38 51.17
C SER C 126 -13.77 -16.22 51.51
N VAL C 127 -13.45 -15.19 52.29
CA VAL C 127 -12.06 -14.85 52.61
C VAL C 127 -11.71 -15.49 53.94
N TYR C 128 -10.64 -16.29 53.96
CA TYR C 128 -10.20 -17.01 55.14
C TYR C 128 -8.77 -16.60 55.49
N PRO C 129 -8.50 -16.22 56.74
CA PRO C 129 -7.11 -15.93 57.13
C PRO C 129 -6.34 -17.22 57.39
N LEU C 130 -5.13 -17.30 56.83
CA LEU C 130 -4.28 -18.48 57.02
C LEU C 130 -3.25 -18.14 58.09
N ALA C 131 -3.69 -18.21 59.35
CA ALA C 131 -2.78 -18.10 60.47
C ALA C 131 -2.01 -19.41 60.63
N PRO C 132 -0.70 -19.35 60.93
CA PRO C 132 0.10 -20.57 60.94
C PRO C 132 -0.24 -21.52 62.08
N VAL C 133 0.50 -22.63 62.18
CA VAL C 133 0.20 -23.66 63.17
C VAL C 133 0.67 -23.21 64.55
N CYS C 134 0.37 -24.03 65.56
CA CYS C 134 0.75 -23.73 66.97
C CYS C 134 2.03 -24.50 67.33
N GLY C 135 3.00 -24.52 66.41
CA GLY C 135 4.28 -25.22 66.65
C GLY C 135 5.38 -24.27 67.05
N ASP C 136 6.63 -24.74 67.06
CA ASP C 136 7.73 -23.85 67.50
C ASP C 136 7.71 -22.61 66.61
N THR C 137 7.84 -21.42 67.19
CA THR C 137 7.85 -20.19 66.36
C THR C 137 9.28 -19.93 65.90
N THR C 138 9.84 -20.92 65.22
CA THR C 138 11.25 -20.92 64.76
C THR C 138 11.43 -20.07 63.51
N GLY C 139 12.66 -19.64 63.26
CA GLY C 139 13.04 -18.89 62.05
C GLY C 139 12.94 -17.41 62.23
N SER C 140 13.75 -16.68 61.48
CA SER C 140 13.73 -15.19 61.47
C SER C 140 12.40 -14.73 60.87
N SER C 141 11.97 -15.44 59.83
CA SER C 141 10.76 -15.05 59.07
C SER C 141 9.56 -15.92 59.44
N VAL C 142 8.38 -15.40 59.16
CA VAL C 142 7.10 -16.14 59.38
C VAL C 142 6.22 -15.84 58.16
N THR C 143 5.51 -16.84 57.66
CA THR C 143 4.69 -16.70 56.46
C THR C 143 3.21 -16.83 56.80
N LEU C 144 2.43 -15.83 56.40
CA LEU C 144 0.99 -15.82 56.58
C LEU C 144 0.31 -16.01 55.24
N GLY C 145 -1.01 -16.18 55.29
CA GLY C 145 -1.77 -16.45 54.08
C GLY C 145 -3.18 -15.93 54.14
N CYS C 146 -3.82 -15.94 52.98
CA CYS C 146 -5.18 -15.48 52.82
C CYS C 146 -5.83 -16.32 51.73
N LEU C 147 -6.98 -16.92 52.02
CA LEU C 147 -7.64 -17.84 51.11
C LEU C 147 -8.93 -17.20 50.60
N VAL C 148 -8.98 -16.93 49.29
CA VAL C 148 -10.13 -16.33 48.63
C VAL C 148 -10.78 -17.43 47.77
N LYS C 149 -11.87 -18.01 48.25
CA LYS C 149 -12.39 -19.26 47.71
C LYS C 149 -13.84 -19.10 47.24
N GLY C 150 -14.14 -19.74 46.09
CA GLY C 150 -15.51 -19.90 45.62
C GLY C 150 -16.21 -18.66 45.09
N TYR C 151 -15.55 -17.89 44.22
CA TYR C 151 -16.13 -16.68 43.65
C TYR C 151 -16.20 -16.78 42.13
N PHE C 152 -16.91 -15.82 41.53
CA PHE C 152 -17.09 -15.71 40.08
C PHE C 152 -17.79 -14.40 39.76
N PRO C 153 -17.37 -13.69 38.70
CA PRO C 153 -16.22 -14.02 37.85
C PRO C 153 -14.95 -13.32 38.30
N GLU C 154 -13.90 -13.44 37.50
CA GLU C 154 -12.72 -12.62 37.71
C GLU C 154 -13.05 -11.17 37.41
N PRO C 155 -12.32 -10.21 38.00
CA PRO C 155 -11.20 -10.41 38.93
C PRO C 155 -11.52 -10.03 40.38
N VAL C 156 -10.56 -10.29 41.27
CA VAL C 156 -10.57 -9.71 42.61
C VAL C 156 -9.34 -8.83 42.79
N THR C 157 -9.31 -8.10 43.89
CA THR C 157 -8.20 -7.24 44.26
C THR C 157 -7.77 -7.63 45.66
N LEU C 158 -6.56 -8.17 45.79
CA LEU C 158 -6.01 -8.57 47.08
C LEU C 158 -4.79 -7.71 47.40
N THR C 159 -4.83 -7.04 48.56
CA THR C 159 -3.72 -6.26 49.08
C THR C 159 -3.53 -6.58 50.56
N TRP C 160 -2.32 -6.37 51.08
CA TRP C 160 -2.01 -6.57 52.48
C TRP C 160 -1.84 -5.23 53.19
N ASN C 161 -2.54 -5.07 54.32
CA ASN C 161 -2.56 -3.82 55.07
C ASN C 161 -2.77 -2.62 54.13
N SER C 162 -3.80 -2.74 53.29
CA SER C 162 -4.24 -1.66 52.41
C SER C 162 -3.17 -1.27 51.39
N GLY C 163 -2.24 -2.17 51.10
CA GLY C 163 -1.20 -1.93 50.12
C GLY C 163 0.13 -1.48 50.70
N SER C 164 0.18 -1.14 51.99
CA SER C 164 1.42 -0.68 52.58
C SER C 164 2.47 -1.77 52.67
N LEU C 165 2.05 -3.04 52.64
CA LEU C 165 2.94 -4.19 52.76
C LEU C 165 3.00 -4.89 51.41
N SER C 166 4.13 -4.76 50.72
CA SER C 166 4.31 -5.35 49.40
C SER C 166 5.45 -6.36 49.32
N SER C 167 6.53 -6.19 50.07
CA SER C 167 7.66 -7.10 49.98
C SER C 167 7.36 -8.40 50.72
N GLY C 168 7.71 -9.52 50.09
CA GLY C 168 7.43 -10.83 50.65
C GLY C 168 6.06 -11.37 50.31
N VAL C 169 5.40 -10.79 49.32
CA VAL C 169 4.02 -11.11 48.99
C VAL C 169 4.02 -11.95 47.71
N HIS C 170 3.30 -13.07 47.73
CA HIS C 170 3.13 -13.95 46.58
C HIS C 170 1.63 -14.16 46.39
N THR C 171 1.02 -13.40 45.47
CA THR C 171 -0.40 -13.58 45.16
C THR C 171 -0.53 -14.51 43.96
N PHE C 172 -1.00 -15.74 44.21
CA PHE C 172 -1.13 -16.76 43.19
C PHE C 172 -2.36 -16.50 42.32
N PRO C 173 -2.24 -16.64 41.00
CA PRO C 173 -3.39 -16.42 40.12
C PRO C 173 -4.52 -17.42 40.36
N ALA C 174 -5.73 -16.99 40.02
CA ALA C 174 -6.92 -17.79 40.28
C ALA C 174 -7.00 -19.01 39.35
N VAL C 175 -7.62 -20.08 39.85
CA VAL C 175 -7.86 -21.28 39.06
C VAL C 175 -9.35 -21.62 39.10
N LEU C 176 -9.95 -21.81 37.93
CA LEU C 176 -11.38 -22.13 37.82
C LEU C 176 -11.61 -23.63 38.00
N GLN C 177 -12.51 -23.97 38.94
CA GLN C 177 -12.92 -25.35 39.17
C GLN C 177 -14.42 -25.36 39.44
N SER C 178 -15.18 -26.06 38.59
CA SER C 178 -16.64 -26.17 38.69
C SER C 178 -17.31 -24.79 38.78
N ASP C 179 -16.98 -23.92 37.82
CA ASP C 179 -17.61 -22.61 37.67
C ASP C 179 -17.36 -21.71 38.89
N LEU C 180 -16.25 -21.92 39.59
CA LEU C 180 -15.88 -21.09 40.75
C LEU C 180 -14.37 -20.91 40.79
N TYR C 181 -13.93 -19.67 41.05
CA TYR C 181 -12.52 -19.36 41.20
C TYR C 181 -12.07 -19.47 42.65
N THR C 182 -10.81 -19.84 42.83
CA THR C 182 -10.17 -19.88 44.13
C THR C 182 -8.78 -19.25 44.03
N LEU C 183 -8.44 -18.40 44.99
CA LEU C 183 -7.22 -17.62 44.96
C LEU C 183 -6.62 -17.58 46.35
N SER C 184 -5.30 -17.50 46.42
CA SER C 184 -4.60 -17.41 47.70
C SER C 184 -3.43 -16.47 47.56
N SER C 185 -3.04 -15.84 48.66
CA SER C 185 -1.86 -15.00 48.70
C SER C 185 -1.05 -15.36 49.93
N SER C 186 0.27 -15.35 49.78
CA SER C 186 1.20 -15.62 50.87
C SER C 186 2.04 -14.37 51.12
N VAL C 187 2.21 -14.03 52.41
CA VAL C 187 3.08 -12.92 52.81
C VAL C 187 4.05 -13.45 53.87
N THR C 188 5.31 -13.04 53.78
CA THR C 188 6.34 -13.47 54.70
C THR C 188 7.01 -12.23 55.31
N VAL C 189 7.04 -12.19 56.65
CA VAL C 189 7.62 -11.07 57.40
C VAL C 189 8.49 -11.65 58.51
N THR C 190 9.14 -10.76 59.26
CA THR C 190 10.02 -11.18 60.34
C THR C 190 9.20 -11.57 61.58
N SER C 191 9.71 -12.58 62.31
CA SER C 191 9.01 -13.06 63.50
C SER C 191 8.87 -11.98 64.55
N SER C 192 9.75 -10.98 64.53
CA SER C 192 9.64 -9.83 65.42
C SER C 192 8.44 -8.95 65.08
N THR C 193 8.08 -8.85 63.79
CA THR C 193 7.02 -7.93 63.36
C THR C 193 5.62 -8.49 63.57
N TRP C 194 5.45 -9.80 63.80
CA TRP C 194 4.13 -10.41 63.92
C TRP C 194 4.12 -11.44 65.03
N PRO C 195 3.04 -11.52 65.83
CA PRO C 195 1.83 -10.68 65.77
C PRO C 195 2.00 -9.32 66.46
N SER C 196 3.25 -8.91 66.70
CA SER C 196 3.51 -7.59 67.26
C SER C 196 2.77 -6.49 66.50
N GLN C 197 2.76 -6.58 65.17
CA GLN C 197 2.04 -5.66 64.32
C GLN C 197 0.92 -6.41 63.60
N SER C 198 -0.07 -5.66 63.15
CA SER C 198 -1.26 -6.26 62.55
C SER C 198 -1.03 -6.56 61.07
N ILE C 199 -1.53 -7.72 60.64
CA ILE C 199 -1.47 -8.14 59.24
C ILE C 199 -2.90 -8.46 58.82
N THR C 200 -3.44 -7.66 57.89
CA THR C 200 -4.80 -7.85 57.43
C THR C 200 -4.81 -8.05 55.92
N CYS C 201 -5.73 -8.90 55.46
CA CYS C 201 -5.86 -9.25 54.05
C CYS C 201 -7.07 -8.52 53.49
N ASN C 202 -6.85 -7.70 52.46
CA ASN C 202 -7.88 -6.83 51.90
C ASN C 202 -8.30 -7.39 50.54
N VAL C 203 -9.53 -7.89 50.45
CA VAL C 203 -10.05 -8.51 49.23
C VAL C 203 -11.20 -7.67 48.72
N ALA C 204 -11.27 -7.51 47.39
CA ALA C 204 -12.32 -6.72 46.75
C ALA C 204 -12.83 -7.47 45.52
N HIS C 205 -14.14 -7.69 45.47
CA HIS C 205 -14.80 -8.37 44.35
C HIS C 205 -15.95 -7.49 43.89
N PRO C 206 -15.68 -6.49 43.05
CA PRO C 206 -16.72 -5.51 42.68
C PRO C 206 -17.92 -6.13 41.98
N ALA C 207 -17.75 -7.29 41.32
CA ALA C 207 -18.87 -7.92 40.64
C ALA C 207 -19.99 -8.29 41.61
N SER C 208 -19.65 -8.59 42.86
CA SER C 208 -20.62 -8.98 43.87
C SER C 208 -20.76 -7.93 44.96
N SER C 209 -20.22 -6.73 44.75
CA SER C 209 -20.28 -5.64 45.73
C SER C 209 -19.58 -6.01 47.04
N THR C 210 -18.61 -6.93 46.97
CA THR C 210 -17.91 -7.46 48.13
C THR C 210 -16.64 -6.67 48.41
N LYS C 211 -16.44 -6.32 49.69
CA LYS C 211 -15.23 -5.63 50.13
C LYS C 211 -15.00 -6.06 51.58
N VAL C 212 -14.02 -6.92 51.79
CA VAL C 212 -13.79 -7.60 53.07
C VAL C 212 -12.35 -7.39 53.50
N ASP C 213 -12.15 -7.23 54.81
CA ASP C 213 -10.81 -7.14 55.41
C ASP C 213 -10.72 -8.16 56.53
N LYS C 214 -9.74 -9.06 56.46
CA LYS C 214 -9.58 -10.12 57.44
C LYS C 214 -8.27 -9.91 58.19
N LYS C 215 -8.36 -9.81 59.51
CA LYS C 215 -7.16 -9.73 60.32
C LYS C 215 -6.69 -11.14 60.66
N ILE C 216 -5.38 -11.28 60.86
CA ILE C 216 -4.80 -12.61 61.06
C ILE C 216 -4.40 -12.79 62.51
N GLU C 217 -5.32 -13.32 63.33
CA GLU C 217 -5.00 -13.65 64.71
C GLU C 217 -4.52 -15.10 64.81
N PRO C 218 -3.59 -15.38 65.72
CA PRO C 218 -2.94 -16.70 65.74
C PRO C 218 -3.60 -17.73 66.64
N ARG C 219 -4.93 -17.78 66.66
CA ARG C 219 -5.66 -18.68 67.56
C ARG C 219 -5.25 -20.15 67.39
#